data_5SX5
#
_entry.id   5SX5
#
_cell.length_a   65.073
_cell.length_b   113.106
_cell.length_c   231.403
_cell.angle_alpha   90.000
_cell.angle_beta   90.000
_cell.angle_gamma   90.000
#
_symmetry.space_group_name_H-M   'P 21 21 21'
#
loop_
_entity.id
_entity.type
_entity.pdbx_description
1 polymer 'Panitumumab Fab Light Chain'
2 polymer 'Panitumumab Fab Heavy Chain'
3 polymer 'Epidermal growth factor receptor'
4 non-polymer 'SULFATE ION'
5 non-polymer GLYCEROL
6 non-polymer 1,2-ETHANEDIOL
7 non-polymer 'PENTAETHYLENE GLYCOL'
8 water water
#
loop_
_entity_poly.entity_id
_entity_poly.type
_entity_poly.pdbx_seq_one_letter_code
_entity_poly.pdbx_strand_id
1 'polypeptide(L)'
;DIQMTQSPSSLSASVGDRVTITCQASQDISNYLNWYQQKPGKAPKLLIYDASNLETGVPSRFSGSGSGTDFTFTISSLQP
EDIATYFCQHFDHLPLAFGGGTKVEIKRTVAAPSVFIFPPSDEQLKSGTASVVCLLNNFYPREAKVQWKVDNALQSGNSQ
ESVTEQDSKDSTYSLSSTLTLSKADYEKHKVYACEVTHQGLSSPVTKSFNRGEC
;
K,L
2 'polypeptide(L)'
;QVQLQESGPGLVKPSETLSLTCTVSGGSVSSGDYYWTWIRQSPGKGLEWIGHIYYSGNTNYNPSLKSRLTISIDTSKTQF
SLKLSSVTAADTAIYYCVRDRVTGAFDIWGQGTMVTVSSASTKGPSVFPLAPCSRSTSESTAALGCLVKDYFPEPVTVSW
NSGALTSGVHTFPAVLQSSGLYSLSSVVTVPSSNFGTQTYTCNVDHKPSNTKVDKTVERKC
;
J,H
3 'polypeptide(L)'
;LEEKKVCNGIGIGEFKDSLSIDATNIKHFKNCTSISGDLHILPVAFRGDSFTHTPPLDPQELDILKTVKEITGFLLIQAW
PENRTDLHAFENLEIIRGRTKQHGQFSLAVVSLDITSLGLRSLKEISDGDVIISGNKNLCYANTINWKKLFGTSGQKTKI
IRNRGENSCKATGQVCHALCSPEGCWGPEPRDCVSHHHHHH
;
M,N
#
loop_
_chem_comp.id
_chem_comp.type
_chem_comp.name
_chem_comp.formula
1PE non-polymer 'PENTAETHYLENE GLYCOL' 'C10 H22 O6'
EDO non-polymer 1,2-ETHANEDIOL 'C2 H6 O2'
GOL non-polymer GLYCEROL 'C3 H8 O3'
SO4 non-polymer 'SULFATE ION' 'O4 S -2'
#
# COMPACT_ATOMS: atom_id res chain seq x y z
N ASP A 1 -33.35 -14.64 16.04
CA ASP A 1 -32.16 -14.09 15.39
C ASP A 1 -31.65 -15.00 14.30
N ILE A 2 -30.86 -14.43 13.39
CA ILE A 2 -30.29 -15.20 12.28
C ILE A 2 -29.23 -16.16 12.82
N GLN A 3 -29.30 -17.41 12.40
CA GLN A 3 -28.32 -18.43 12.78
C GLN A 3 -27.42 -18.71 11.59
N MET A 4 -26.11 -18.63 11.80
CA MET A 4 -25.12 -18.86 10.77
C MET A 4 -24.46 -20.21 11.02
N THR A 5 -24.63 -21.13 10.08
CA THR A 5 -24.11 -22.49 10.19
C THR A 5 -23.08 -22.73 9.09
N GLN A 6 -21.86 -23.05 9.48
CA GLN A 6 -20.78 -23.31 8.54
C GLN A 6 -20.56 -24.82 8.38
N SER A 7 -20.12 -25.20 7.19
CA SER A 7 -19.87 -26.60 6.87
C SER A 7 -18.70 -26.66 5.89
N PRO A 8 -17.68 -27.49 6.15
CA PRO A 8 -17.59 -28.35 7.33
C PRO A 8 -17.07 -27.61 8.55
N SER A 9 -17.03 -28.30 9.70
CA SER A 9 -16.48 -27.70 10.91
C SER A 9 -14.95 -27.72 10.89
N SER A 10 -14.35 -28.69 10.22
CA SER A 10 -12.91 -28.76 10.08
C SER A 10 -12.58 -29.58 8.85
N LEU A 11 -11.41 -29.31 8.26
CA LEU A 11 -10.95 -30.07 7.11
C LEU A 11 -9.44 -30.00 7.03
N SER A 12 -8.87 -30.91 6.27
CA SER A 12 -7.45 -30.92 5.96
C SER A 12 -7.26 -31.18 4.48
N ALA A 13 -6.34 -30.44 3.86
CA ALA A 13 -6.09 -30.58 2.43
C ALA A 13 -4.62 -30.36 2.17
N SER A 14 -4.17 -30.85 1.01
CA SER A 14 -2.78 -30.71 0.60
C SER A 14 -2.52 -29.31 0.04
N VAL A 15 -1.24 -28.95 -0.01
CA VAL A 15 -0.85 -27.67 -0.58
C VAL A 15 -1.18 -27.66 -2.06
N GLY A 16 -1.83 -26.58 -2.51
CA GLY A 16 -2.23 -26.45 -3.89
C GLY A 16 -3.63 -26.94 -4.20
N ASP A 17 -4.27 -27.64 -3.27
CA ASP A 17 -5.63 -28.13 -3.49
C ASP A 17 -6.64 -26.98 -3.42
N ARG A 18 -7.80 -27.21 -4.03
CA ARG A 18 -8.89 -26.25 -4.00
C ARG A 18 -9.80 -26.57 -2.81
N VAL A 19 -10.00 -25.58 -1.94
CA VAL A 19 -10.76 -25.76 -0.71
C VAL A 19 -12.02 -24.89 -0.79
N THR A 20 -13.17 -25.50 -0.51
CA THR A 20 -14.45 -24.80 -0.53
C THR A 20 -15.18 -25.08 0.78
N ILE A 21 -15.57 -24.02 1.47
CA ILE A 21 -16.32 -24.12 2.72
C ILE A 21 -17.64 -23.35 2.56
N THR A 22 -18.65 -23.80 3.31
CA THR A 22 -20.01 -23.31 3.15
C THR A 22 -20.45 -22.54 4.39
N CYS A 23 -21.19 -21.46 4.17
CA CYS A 23 -21.90 -20.74 5.22
C CYS A 23 -23.37 -20.69 4.84
N GLN A 24 -24.24 -21.08 5.77
CA GLN A 24 -25.67 -21.15 5.50
C GLN A 24 -26.42 -20.33 6.55
N ALA A 25 -27.24 -19.40 6.09
CA ALA A 25 -28.00 -18.52 6.96
C ALA A 25 -29.42 -19.05 7.13
N SER A 26 -29.97 -18.86 8.34
CA SER A 26 -31.31 -19.33 8.63
C SER A 26 -32.38 -18.48 7.95
N GLN A 27 -32.01 -17.29 7.48
CA GLN A 27 -32.91 -16.39 6.77
C GLN A 27 -32.20 -15.86 5.53
N ASP A 28 -32.96 -15.23 4.65
CA ASP A 28 -32.38 -14.56 3.50
C ASP A 28 -31.68 -13.29 3.96
N ILE A 29 -30.37 -13.22 3.77
CA ILE A 29 -29.59 -12.07 4.24
C ILE A 29 -28.98 -11.30 3.07
N SER A 30 -29.52 -11.49 1.86
CA SER A 30 -29.06 -10.79 0.65
C SER A 30 -27.57 -11.08 0.49
N ASN A 31 -26.72 -10.07 0.34
CA ASN A 31 -25.27 -10.27 0.30
C ASN A 31 -24.59 -9.66 1.53
N TYR A 32 -25.33 -9.56 2.64
CA TYR A 32 -24.83 -8.93 3.87
C TYR A 32 -24.02 -9.97 4.65
N LEU A 33 -22.89 -10.36 4.08
CA LEU A 33 -22.06 -11.41 4.66
C LEU A 33 -20.59 -11.08 4.45
N ASN A 34 -19.79 -11.36 5.48
CA ASN A 34 -18.35 -11.15 5.43
C ASN A 34 -17.63 -12.43 5.85
N TRP A 35 -16.43 -12.63 5.32
CA TRP A 35 -15.61 -13.77 5.64
C TRP A 35 -14.34 -13.31 6.35
N TYR A 36 -14.01 -13.99 7.44
CA TYR A 36 -12.86 -13.64 8.27
C TYR A 36 -11.93 -14.83 8.42
N GLN A 37 -10.65 -14.53 8.53
CA GLN A 37 -9.61 -15.53 8.72
C GLN A 37 -8.93 -15.27 10.06
N GLN A 38 -8.89 -16.29 10.92
CA GLN A 38 -8.26 -16.19 12.24
C GLN A 38 -7.12 -17.20 12.29
N LYS A 39 -5.90 -16.72 12.14
CA LYS A 39 -4.73 -17.56 12.29
C LYS A 39 -4.43 -17.78 13.77
N PRO A 40 -3.71 -18.87 14.11
CA PRO A 40 -3.46 -19.18 15.53
C PRO A 40 -2.88 -18.03 16.32
N GLY A 41 -3.55 -17.68 17.43
CA GLY A 41 -3.08 -16.64 18.32
C GLY A 41 -3.27 -15.22 17.83
N LYS A 42 -4.09 -15.01 16.80
CA LYS A 42 -4.29 -13.69 16.22
C LYS A 42 -5.78 -13.35 16.21
N ALA A 43 -6.06 -12.06 16.08
CA ALA A 43 -7.44 -11.63 15.90
C ALA A 43 -7.90 -11.97 14.49
N PRO A 44 -9.21 -12.14 14.29
CA PRO A 44 -9.71 -12.43 12.94
C PRO A 44 -9.39 -11.31 11.97
N LYS A 45 -9.14 -11.68 10.72
CA LYS A 45 -8.77 -10.75 9.66
C LYS A 45 -9.82 -10.79 8.55
N LEU A 46 -10.29 -9.62 8.14
CA LEU A 46 -11.29 -9.55 7.08
C LEU A 46 -10.65 -9.90 5.73
N LEU A 47 -11.27 -10.84 5.03
CA LEU A 47 -10.82 -11.24 3.70
C LEU A 47 -11.84 -10.90 2.61
N ILE A 48 -13.10 -11.26 2.83
CA ILE A 48 -14.17 -11.05 1.85
C ILE A 48 -15.27 -10.24 2.51
N TYR A 49 -15.70 -9.18 1.84
CA TYR A 49 -16.82 -8.36 2.29
C TYR A 49 -17.89 -8.36 1.22
N ASP A 50 -19.15 -8.19 1.66
CA ASP A 50 -20.30 -8.22 0.76
C ASP A 50 -20.33 -9.51 -0.05
N ALA A 51 -20.02 -10.62 0.61
CA ALA A 51 -20.15 -11.98 0.07
C ALA A 51 -19.16 -12.29 -1.05
N SER A 52 -18.86 -11.32 -1.91
CA SER A 52 -18.10 -11.59 -3.13
C SER A 52 -16.89 -10.72 -3.37
N ASN A 53 -16.64 -9.69 -2.55
CA ASN A 53 -15.59 -8.72 -2.83
C ASN A 53 -14.35 -9.03 -2.02
N LEU A 54 -13.20 -9.02 -2.69
CA LEU A 54 -11.91 -9.27 -2.05
C LEU A 54 -11.42 -8.00 -1.38
N GLU A 55 -11.14 -8.08 -0.08
CA GLU A 55 -10.59 -6.94 0.64
C GLU A 55 -9.19 -6.63 0.13
N THR A 56 -8.88 -5.34 0.01
CA THR A 56 -7.59 -4.93 -0.51
C THR A 56 -6.45 -5.43 0.39
N GLY A 57 -5.41 -5.98 -0.24
CA GLY A 57 -4.31 -6.57 0.48
C GLY A 57 -4.40 -8.06 0.67
N VAL A 58 -5.58 -8.66 0.45
CA VAL A 58 -5.77 -10.10 0.61
C VAL A 58 -5.32 -10.79 -0.67
N PRO A 59 -4.60 -11.92 -0.57
CA PRO A 59 -4.19 -12.63 -1.79
C PRO A 59 -5.38 -13.01 -2.66
N SER A 60 -5.11 -13.08 -3.97
CA SER A 60 -6.17 -13.34 -4.95
C SER A 60 -6.68 -14.76 -4.91
N ARG A 61 -6.01 -15.68 -4.22
CA ARG A 61 -6.49 -17.06 -4.15
C ARG A 61 -7.74 -17.21 -3.30
N PHE A 62 -8.09 -16.19 -2.51
CA PHE A 62 -9.31 -16.22 -1.72
C PHE A 62 -10.44 -15.55 -2.50
N SER A 63 -11.63 -16.17 -2.45
CA SER A 63 -12.80 -15.60 -3.09
C SER A 63 -14.04 -16.04 -2.33
N GLY A 64 -15.15 -15.35 -2.59
CA GLY A 64 -16.41 -15.69 -1.98
C GLY A 64 -17.54 -15.51 -2.98
N SER A 65 -18.61 -16.27 -2.77
CA SER A 65 -19.76 -16.24 -3.67
C SER A 65 -21.02 -16.53 -2.87
N GLY A 66 -22.15 -16.06 -3.41
CA GLY A 66 -23.44 -16.38 -2.82
C GLY A 66 -24.30 -15.20 -2.43
N SER A 67 -25.61 -15.39 -2.41
CA SER A 67 -26.55 -14.41 -1.91
C SER A 67 -27.77 -15.15 -1.37
N GLY A 68 -28.51 -14.46 -0.50
CA GLY A 68 -29.68 -15.08 0.13
C GLY A 68 -29.33 -15.88 1.36
N THR A 69 -29.29 -17.21 1.21
CA THR A 69 -29.06 -18.10 2.35
C THR A 69 -27.77 -18.90 2.25
N ASP A 70 -27.35 -19.30 1.06
CA ASP A 70 -26.18 -20.16 0.88
C ASP A 70 -25.02 -19.37 0.30
N PHE A 71 -23.87 -19.48 0.95
CA PHE A 71 -22.65 -18.79 0.55
C PHE A 71 -21.48 -19.77 0.59
N THR A 72 -20.47 -19.50 -0.23
CA THR A 72 -19.29 -20.36 -0.30
C THR A 72 -18.03 -19.51 -0.28
N PHE A 73 -17.06 -19.96 0.51
CA PHE A 73 -15.73 -19.38 0.55
C PHE A 73 -14.75 -20.37 -0.08
N THR A 74 -13.87 -19.86 -0.95
CA THR A 74 -13.02 -20.72 -1.76
C THR A 74 -11.57 -20.24 -1.67
N ILE A 75 -10.65 -21.19 -1.46
CA ILE A 75 -9.22 -20.97 -1.61
C ILE A 75 -8.80 -21.74 -2.86
N SER A 76 -8.35 -21.02 -3.89
CA SER A 76 -8.06 -21.67 -5.16
C SER A 76 -6.85 -22.59 -5.06
N SER A 77 -5.81 -22.16 -4.33
CA SER A 77 -4.59 -22.96 -4.14
C SER A 77 -4.18 -22.83 -2.69
N LEU A 78 -4.46 -23.88 -1.90
CA LEU A 78 -4.18 -23.84 -0.48
C LEU A 78 -2.68 -23.73 -0.23
N GLN A 79 -2.29 -22.77 0.60
CA GLN A 79 -0.90 -22.54 0.95
C GLN A 79 -0.67 -22.84 2.43
N PRO A 80 0.57 -23.14 2.83
CA PRO A 80 0.82 -23.49 4.24
C PRO A 80 0.47 -22.38 5.22
N GLU A 81 0.63 -21.12 4.84
CA GLU A 81 0.33 -20.01 5.74
C GLU A 81 -1.16 -19.77 5.92
N ASP A 82 -2.01 -20.51 5.21
CA ASP A 82 -3.46 -20.34 5.30
C ASP A 82 -4.06 -21.15 6.44
N ILE A 83 -3.23 -21.81 7.26
CA ILE A 83 -3.74 -22.53 8.43
C ILE A 83 -4.45 -21.54 9.34
N ALA A 84 -5.76 -21.74 9.51
CA ALA A 84 -6.58 -20.79 10.24
C ALA A 84 -7.97 -21.38 10.44
N THR A 85 -8.78 -20.68 11.22
CA THR A 85 -10.21 -20.92 11.31
C THR A 85 -10.93 -19.80 10.59
N TYR A 86 -11.85 -20.16 9.69
CA TYR A 86 -12.53 -19.18 8.84
C TYR A 86 -13.98 -19.02 9.30
N PHE A 87 -14.36 -17.78 9.55
CA PHE A 87 -15.69 -17.45 10.05
C PHE A 87 -16.48 -16.66 9.01
N CYS A 88 -17.78 -16.91 8.96
CA CYS A 88 -18.70 -16.06 8.23
C CYS A 88 -19.52 -15.24 9.22
N GLN A 89 -19.92 -14.05 8.81
CA GLN A 89 -20.63 -13.12 9.67
C GLN A 89 -21.66 -12.34 8.86
N HIS A 90 -22.86 -12.24 9.41
CA HIS A 90 -23.94 -11.49 8.78
C HIS A 90 -24.09 -10.12 9.44
N PHE A 91 -24.61 -9.17 8.66
CA PHE A 91 -24.99 -7.87 9.20
C PHE A 91 -26.34 -7.47 8.63
N ASP A 92 -27.25 -8.44 8.49
CA ASP A 92 -28.56 -8.18 7.92
C ASP A 92 -29.40 -7.30 8.84
N HIS A 93 -29.62 -7.75 10.07
CA HIS A 93 -30.32 -6.95 11.07
C HIS A 93 -29.81 -7.32 12.45
N LEU A 94 -30.26 -6.55 13.44
CA LEU A 94 -29.72 -6.68 14.78
C LEU A 94 -30.25 -7.94 15.46
N PRO A 95 -29.39 -8.69 16.18
CA PRO A 95 -27.95 -8.41 16.33
C PRO A 95 -27.10 -9.08 15.26
N LEU A 96 -25.84 -8.69 15.16
CA LEU A 96 -24.91 -9.36 14.26
C LEU A 96 -24.41 -10.65 14.88
N ALA A 97 -24.09 -11.62 14.04
CA ALA A 97 -23.69 -12.94 14.53
C ALA A 97 -22.69 -13.55 13.57
N PHE A 98 -21.81 -14.38 14.11
CA PHE A 98 -20.82 -15.13 13.35
C PHE A 98 -21.27 -16.57 13.16
N GLY A 99 -20.65 -17.24 12.19
CA GLY A 99 -20.78 -18.68 12.11
C GLY A 99 -19.89 -19.39 13.10
N GLY A 100 -20.07 -20.70 13.20
CA GLY A 100 -19.28 -21.50 14.13
C GLY A 100 -17.81 -21.60 13.78
N GLY A 101 -17.47 -21.38 12.52
CA GLY A 101 -16.07 -21.44 12.12
C GLY A 101 -15.71 -22.76 11.47
N THR A 102 -14.75 -22.69 10.55
CA THR A 102 -14.24 -23.87 9.86
C THR A 102 -12.73 -23.90 10.01
N LYS A 103 -12.22 -24.94 10.66
CA LYS A 103 -10.78 -25.07 10.87
C LYS A 103 -10.13 -25.71 9.64
N VAL A 104 -9.08 -25.08 9.13
CA VAL A 104 -8.39 -25.52 7.92
C VAL A 104 -6.95 -25.83 8.29
N GLU A 105 -6.52 -27.06 8.04
CA GLU A 105 -5.17 -27.50 8.32
C GLU A 105 -4.55 -28.13 7.07
N ILE A 106 -3.23 -28.22 7.07
CA ILE A 106 -2.46 -28.70 5.92
C ILE A 106 -2.13 -30.16 6.11
N LYS A 107 -2.28 -30.95 5.04
CA LYS A 107 -1.81 -32.33 4.99
C LYS A 107 -0.46 -32.36 4.28
N ARG A 108 0.56 -32.85 4.96
CA ARG A 108 1.90 -32.89 4.39
C ARG A 108 2.51 -34.28 4.54
N THR A 109 3.78 -34.42 4.16
CA THR A 109 4.47 -35.70 4.30
C THR A 109 4.72 -36.00 5.77
N VAL A 110 4.82 -37.31 6.08
CA VAL A 110 5.07 -37.74 7.44
C VAL A 110 6.44 -37.27 7.88
N ALA A 111 6.52 -36.66 9.06
CA ALA A 111 7.77 -36.16 9.62
C ALA A 111 7.91 -36.64 11.05
N ALA A 112 9.03 -37.29 11.35
CA ALA A 112 9.29 -37.82 12.67
C ALA A 112 9.71 -36.71 13.64
N PRO A 113 9.30 -36.81 14.90
CA PRO A 113 9.67 -35.77 15.86
C PRO A 113 11.10 -35.89 16.35
N SER A 114 11.63 -34.76 16.81
CA SER A 114 12.88 -34.70 17.54
C SER A 114 12.55 -34.66 19.02
N VAL A 115 13.09 -35.60 19.79
CA VAL A 115 12.72 -35.79 21.18
C VAL A 115 13.82 -35.23 22.09
N PHE A 116 13.41 -34.49 23.11
CA PHE A 116 14.31 -33.95 24.12
C PHE A 116 13.66 -34.09 25.48
N ILE A 117 14.46 -34.45 26.48
CA ILE A 117 14.00 -34.57 27.85
C ILE A 117 14.80 -33.60 28.71
N PHE A 118 14.10 -32.92 29.62
CA PHE A 118 14.71 -31.91 30.48
C PHE A 118 14.55 -32.31 31.94
N PRO A 119 15.63 -32.42 32.69
CA PRO A 119 15.51 -32.69 34.13
C PRO A 119 14.98 -31.47 34.87
N PRO A 120 14.38 -31.65 36.03
CA PRO A 120 13.97 -30.50 36.83
C PRO A 120 15.18 -29.72 37.33
N SER A 121 15.00 -28.41 37.47
CA SER A 121 16.07 -27.55 37.95
C SER A 121 16.20 -27.66 39.46
N ASP A 122 17.42 -27.39 39.96
CA ASP A 122 17.63 -27.37 41.40
C ASP A 122 16.89 -26.22 42.05
N GLU A 123 16.64 -25.14 41.31
CA GLU A 123 15.83 -24.04 41.85
C GLU A 123 14.43 -24.51 42.20
N GLN A 124 13.82 -25.33 41.33
CA GLN A 124 12.48 -25.84 41.61
C GLN A 124 12.49 -26.92 42.68
N LEU A 125 13.56 -27.73 42.72
CA LEU A 125 13.63 -28.78 43.72
C LEU A 125 13.61 -28.23 45.14
N LYS A 126 14.13 -27.02 45.35
CA LYS A 126 14.09 -26.43 46.67
C LYS A 126 12.66 -26.10 47.11
N SER A 127 11.76 -25.90 46.15
CA SER A 127 10.37 -25.57 46.46
C SER A 127 9.54 -26.79 46.87
N GLY A 128 10.10 -28.00 46.77
CA GLY A 128 9.41 -29.20 47.16
C GLY A 128 8.71 -29.95 46.04
N THR A 129 8.80 -29.47 44.80
CA THR A 129 8.17 -30.11 43.67
C THR A 129 9.16 -30.24 42.52
N ALA A 130 8.98 -31.26 41.70
CA ALA A 130 9.86 -31.53 40.58
C ALA A 130 9.03 -31.72 39.32
N SER A 131 9.42 -31.03 38.24
CA SER A 131 8.74 -31.12 36.95
C SER A 131 9.73 -31.63 35.92
N VAL A 132 9.38 -32.71 35.23
CA VAL A 132 10.21 -33.29 34.19
C VAL A 132 9.48 -33.09 32.86
N VAL A 133 10.16 -32.46 31.91
CA VAL A 133 9.55 -32.06 30.64
C VAL A 133 10.12 -32.90 29.52
N CYS A 134 9.24 -33.33 28.61
CA CYS A 134 9.64 -34.02 27.39
C CYS A 134 9.12 -33.22 26.20
N LEU A 135 9.98 -33.02 25.19
CA LEU A 135 9.67 -32.17 24.05
C LEU A 135 9.67 -33.00 22.77
N LEU A 136 8.58 -32.91 22.02
CA LEU A 136 8.46 -33.52 20.70
C LEU A 136 8.36 -32.39 19.68
N ASN A 137 9.37 -32.25 18.84
CA ASN A 137 9.56 -31.06 18.03
C ASN A 137 9.35 -31.36 16.55
N ASN A 138 8.52 -30.54 15.89
CA ASN A 138 8.36 -30.54 14.45
C ASN A 138 8.06 -31.93 13.87
N PHE A 139 6.82 -32.39 14.03
CA PHE A 139 6.44 -33.70 13.53
C PHE A 139 5.08 -33.60 12.85
N TYR A 140 4.79 -34.61 12.02
CA TYR A 140 3.50 -34.76 11.35
C TYR A 140 3.32 -36.25 11.09
N PRO A 141 2.11 -36.80 11.32
CA PRO A 141 0.89 -36.10 11.75
C PRO A 141 0.87 -35.68 13.22
N ARG A 142 -0.25 -35.08 13.63
CA ARG A 142 -0.39 -34.57 15.00
C ARG A 142 -0.45 -35.69 16.02
N GLU A 143 -0.98 -36.85 15.63
CA GLU A 143 -1.14 -37.96 16.57
C GLU A 143 0.22 -38.46 17.05
N ALA A 144 0.40 -38.50 18.37
CA ALA A 144 1.64 -38.97 18.96
C ALA A 144 1.34 -39.47 20.36
N LYS A 145 2.13 -40.45 20.80
CA LYS A 145 1.98 -41.05 22.12
C LYS A 145 3.26 -40.86 22.91
N VAL A 146 3.15 -40.27 24.09
CA VAL A 146 4.27 -40.07 25.00
C VAL A 146 4.08 -40.95 26.21
N GLN A 147 5.10 -41.73 26.55
CA GLN A 147 5.06 -42.66 27.66
C GLN A 147 6.18 -42.34 28.63
N TRP A 148 5.83 -42.05 29.88
CA TRP A 148 6.80 -41.76 30.92
C TRP A 148 7.14 -43.04 31.68
N LYS A 149 8.44 -43.27 31.89
CA LYS A 149 8.93 -44.41 32.65
C LYS A 149 9.92 -43.92 33.71
N VAL A 150 9.62 -44.23 34.97
CA VAL A 150 10.49 -43.90 36.09
C VAL A 150 10.97 -45.22 36.67
N ASP A 151 12.22 -45.59 36.37
CA ASP A 151 12.77 -46.90 36.74
C ASP A 151 11.91 -48.03 36.19
N ASN A 152 11.62 -47.96 34.89
CA ASN A 152 10.82 -48.93 34.14
C ASN A 152 9.39 -49.02 34.64
N ALA A 153 8.95 -48.10 35.49
CA ALA A 153 7.57 -48.06 35.97
C ALA A 153 6.79 -47.08 35.12
N LEU A 154 5.82 -47.59 34.36
CA LEU A 154 5.01 -46.74 33.49
C LEU A 154 4.20 -45.75 34.32
N GLN A 155 4.37 -44.46 34.03
CA GLN A 155 3.68 -43.41 34.75
C GLN A 155 2.38 -43.06 34.02
N SER A 156 1.32 -42.83 34.80
CA SER A 156 0.02 -42.51 34.24
C SER A 156 -0.78 -41.69 35.23
N GLY A 157 -1.42 -40.63 34.75
CA GLY A 157 -2.23 -39.77 35.58
C GLY A 157 -1.49 -38.65 36.29
N ASN A 158 -0.17 -38.53 36.09
CA ASN A 158 0.63 -37.49 36.72
C ASN A 158 1.39 -36.68 35.69
N SER A 159 0.88 -36.60 34.46
CA SER A 159 1.51 -35.85 33.40
C SER A 159 0.46 -35.10 32.61
N GLN A 160 0.85 -33.96 32.05
CA GLN A 160 0.00 -33.18 31.17
C GLN A 160 0.73 -32.88 29.87
N GLU A 161 -0.03 -32.80 28.79
CA GLU A 161 0.51 -32.52 27.47
C GLU A 161 0.00 -31.18 26.96
N SER A 162 0.78 -30.60 26.06
CA SER A 162 0.41 -29.37 25.38
C SER A 162 0.97 -29.44 23.96
N VAL A 163 0.15 -29.08 22.97
CA VAL A 163 0.53 -29.19 21.57
C VAL A 163 0.30 -27.84 20.91
N THR A 164 1.27 -27.40 20.12
CA THR A 164 1.14 -26.15 19.38
C THR A 164 0.17 -26.32 18.22
N GLU A 165 -0.33 -25.19 17.73
CA GLU A 165 -1.07 -25.20 16.48
C GLU A 165 -0.12 -25.52 15.32
N GLN A 166 -0.70 -25.88 14.18
CA GLN A 166 0.11 -26.27 13.05
C GLN A 166 0.97 -25.12 12.57
N ASP A 167 2.25 -25.40 12.32
CA ASP A 167 3.19 -24.36 11.92
C ASP A 167 2.81 -23.80 10.56
N SER A 168 2.87 -22.47 10.45
CA SER A 168 2.45 -21.78 9.23
C SER A 168 3.50 -21.86 8.12
N LYS A 169 4.63 -22.53 8.35
CA LYS A 169 5.68 -22.67 7.34
C LYS A 169 5.87 -24.13 6.91
N ASP A 170 6.22 -25.02 7.83
CA ASP A 170 6.46 -26.41 7.50
C ASP A 170 5.28 -27.33 7.83
N SER A 171 4.19 -26.77 8.36
CA SER A 171 2.95 -27.51 8.63
C SER A 171 3.14 -28.64 9.65
N THR A 172 4.12 -28.50 10.53
CA THR A 172 4.37 -29.51 11.56
C THR A 172 3.71 -29.12 12.88
N TYR A 173 3.76 -30.03 13.84
CA TYR A 173 3.28 -29.81 15.18
C TYR A 173 4.42 -30.02 16.17
N SER A 174 4.25 -29.46 17.38
CA SER A 174 5.18 -29.68 18.47
C SER A 174 4.39 -29.97 19.73
N LEU A 175 4.93 -30.86 20.58
CA LEU A 175 4.23 -31.32 21.76
C LEU A 175 5.18 -31.32 22.95
N SER A 176 4.67 -30.91 24.11
CA SER A 176 5.42 -30.95 25.35
C SER A 176 4.62 -31.71 26.40
N SER A 177 5.30 -32.59 27.12
CA SER A 177 4.71 -33.38 28.18
C SER A 177 5.44 -33.12 29.48
N THR A 178 4.70 -32.73 30.53
CA THR A 178 5.28 -32.37 31.81
C THR A 178 4.89 -33.42 32.85
N LEU A 179 5.89 -34.12 33.37
CA LEU A 179 5.70 -35.08 34.45
C LEU A 179 5.91 -34.36 35.78
N THR A 180 4.89 -34.36 36.63
CA THR A 180 4.92 -33.66 37.92
C THR A 180 5.08 -34.67 39.04
N LEU A 181 6.14 -34.52 39.83
CA LEU A 181 6.39 -35.36 40.98
C LEU A 181 6.77 -34.50 42.17
N SER A 182 6.55 -35.04 43.37
CA SER A 182 7.03 -34.37 44.57
C SER A 182 8.54 -34.50 44.67
N LYS A 183 9.15 -33.59 45.43
CA LYS A 183 10.59 -33.63 45.61
C LYS A 183 11.03 -34.94 46.26
N ALA A 184 10.29 -35.40 47.27
CA ALA A 184 10.66 -36.63 47.96
C ALA A 184 10.57 -37.83 47.02
N ASP A 185 9.52 -37.89 46.20
CA ASP A 185 9.37 -39.00 45.28
C ASP A 185 10.41 -38.95 44.17
N TYR A 186 10.83 -37.75 43.77
CA TYR A 186 11.84 -37.62 42.72
C TYR A 186 13.21 -38.12 43.19
N GLU A 187 13.52 -37.98 44.48
CA GLU A 187 14.80 -38.45 44.99
C GLU A 187 14.86 -39.96 45.14
N LYS A 188 13.71 -40.64 45.19
CA LYS A 188 13.69 -42.08 45.43
C LYS A 188 14.19 -42.87 44.23
N HIS A 189 14.09 -42.33 43.02
CA HIS A 189 14.36 -43.08 41.80
C HIS A 189 15.51 -42.45 41.02
N LYS A 190 16.04 -43.22 40.07
CA LYS A 190 17.23 -42.84 39.33
C LYS A 190 16.94 -42.53 37.87
N VAL A 191 16.39 -43.49 37.13
CA VAL A 191 16.25 -43.36 35.68
C VAL A 191 14.89 -42.74 35.36
N TYR A 192 14.92 -41.68 34.54
CA TYR A 192 13.72 -41.00 34.06
C TYR A 192 13.75 -40.99 32.55
N ALA A 193 12.79 -41.67 31.92
CA ALA A 193 12.78 -41.87 30.48
C ALA A 193 11.48 -41.36 29.88
N CYS A 194 11.57 -40.89 28.64
CA CYS A 194 10.42 -40.44 27.86
C CYS A 194 10.40 -41.25 26.57
N GLU A 195 9.40 -42.13 26.42
CA GLU A 195 9.26 -42.95 25.24
C GLU A 195 8.14 -42.39 24.37
N VAL A 196 8.45 -42.08 23.12
CA VAL A 196 7.48 -41.51 22.19
C VAL A 196 7.21 -42.53 21.08
N THR A 197 5.96 -42.57 20.64
CA THR A 197 5.53 -43.45 19.55
C THR A 197 4.88 -42.59 18.48
N HIS A 198 5.39 -42.66 17.25
CA HIS A 198 4.91 -41.82 16.17
C HIS A 198 4.97 -42.59 14.86
N GLN A 199 4.09 -42.22 13.93
CA GLN A 199 4.02 -42.89 12.64
C GLN A 199 5.35 -42.77 11.89
N GLY A 200 6.03 -41.63 12.03
CA GLY A 200 7.31 -41.43 11.38
C GLY A 200 8.48 -42.15 12.01
N LEU A 201 8.26 -42.88 13.09
CA LEU A 201 9.30 -43.64 13.76
C LEU A 201 9.10 -45.12 13.49
N SER A 202 10.14 -45.78 12.97
CA SER A 202 10.05 -47.22 12.75
C SER A 202 9.87 -47.98 14.05
N SER A 203 10.47 -47.49 15.13
CA SER A 203 10.32 -48.04 16.47
C SER A 203 10.34 -46.89 17.46
N PRO A 204 9.67 -47.03 18.61
CA PRO A 204 9.59 -45.91 19.55
C PRO A 204 10.96 -45.45 20.02
N VAL A 205 11.11 -44.13 20.13
CA VAL A 205 12.36 -43.49 20.54
C VAL A 205 12.28 -43.16 22.02
N THR A 206 13.37 -43.42 22.75
CA THR A 206 13.43 -43.17 24.18
C THR A 206 14.60 -42.24 24.49
N LYS A 207 14.31 -41.12 25.12
CA LYS A 207 15.32 -40.23 25.68
C LYS A 207 15.23 -40.28 27.20
N SER A 208 16.39 -40.36 27.86
CA SER A 208 16.40 -40.57 29.30
C SER A 208 17.60 -39.86 29.91
N PHE A 209 17.57 -39.77 31.24
CA PHE A 209 18.69 -39.23 32.02
C PHE A 209 18.67 -39.88 33.39
N ASN A 210 19.83 -39.90 34.04
CA ASN A 210 19.97 -40.40 35.39
C ASN A 210 20.03 -39.23 36.36
N ARG A 211 19.24 -39.30 37.43
CA ARG A 211 19.19 -38.22 38.41
C ARG A 211 20.56 -38.05 39.07
N GLY A 212 21.03 -36.80 39.12
CA GLY A 212 22.33 -36.48 39.67
C GLY A 212 23.46 -36.53 38.65
N GLU A 213 23.33 -37.38 37.63
CA GLU A 213 24.36 -37.50 36.59
C GLU A 213 24.14 -36.46 35.49
N GLN B 1 -1.78 2.41 9.03
CA GLN B 1 -3.01 3.18 8.94
C GLN B 1 -3.56 3.46 10.34
N VAL B 2 -4.72 2.86 10.63
CA VAL B 2 -5.39 3.01 11.92
C VAL B 2 -5.24 1.70 12.68
N GLN B 3 -4.89 1.80 13.96
CA GLN B 3 -4.71 0.64 14.81
C GLN B 3 -5.54 0.79 16.08
N LEU B 4 -6.08 -0.32 16.56
CA LEU B 4 -6.85 -0.36 17.79
C LEU B 4 -6.13 -1.24 18.80
N GLN B 5 -6.23 -0.87 20.08
CA GLN B 5 -5.59 -1.63 21.14
C GLN B 5 -6.47 -1.60 22.39
N GLU B 6 -6.60 -2.74 23.04
CA GLU B 6 -7.43 -2.87 24.23
C GLU B 6 -6.60 -2.63 25.48
N SER B 7 -7.29 -2.25 26.56
CA SER B 7 -6.68 -2.05 27.85
C SER B 7 -7.71 -2.30 28.93
N GLY B 8 -7.29 -2.93 30.02
CA GLY B 8 -8.17 -3.23 31.12
C GLY B 8 -7.70 -4.44 31.92
N PRO B 9 -8.36 -4.69 33.04
CA PRO B 9 -7.93 -5.80 33.92
C PRO B 9 -8.26 -7.14 33.30
N GLY B 10 -7.34 -8.09 33.47
CA GLY B 10 -7.55 -9.45 33.02
C GLY B 10 -8.27 -10.35 33.99
N LEU B 11 -8.54 -9.87 35.20
CA LEU B 11 -9.23 -10.64 36.22
C LEU B 11 -10.33 -9.77 36.83
N VAL B 12 -11.56 -10.26 36.79
CA VAL B 12 -12.72 -9.57 37.36
C VAL B 12 -13.43 -10.53 38.30
N LYS B 13 -13.70 -10.08 39.51
CA LYS B 13 -14.41 -10.92 40.46
C LYS B 13 -15.87 -11.08 40.04
N PRO B 14 -16.49 -12.22 40.36
CA PRO B 14 -17.90 -12.43 39.96
C PRO B 14 -18.82 -11.38 40.58
N SER B 15 -19.95 -11.15 39.89
CA SER B 15 -20.97 -10.14 40.17
C SER B 15 -20.46 -8.70 40.13
N GLU B 16 -19.21 -8.48 39.72
CA GLU B 16 -18.67 -7.13 39.61
C GLU B 16 -18.74 -6.67 38.15
N THR B 17 -18.15 -5.51 37.88
CA THR B 17 -18.24 -4.87 36.57
C THR B 17 -16.93 -5.00 35.82
N LEU B 18 -17.01 -5.44 34.57
CA LEU B 18 -15.85 -5.51 33.68
C LEU B 18 -15.72 -4.20 32.92
N SER B 19 -14.52 -3.61 32.94
CA SER B 19 -14.25 -2.35 32.29
C SER B 19 -13.08 -2.51 31.33
N LEU B 20 -13.27 -2.06 30.10
CA LEU B 20 -12.23 -2.10 29.07
C LEU B 20 -12.27 -0.82 28.27
N THR B 21 -11.11 -0.42 27.76
CA THR B 21 -10.98 0.80 26.96
C THR B 21 -10.16 0.50 25.72
N CYS B 22 -10.63 1.00 24.58
CA CYS B 22 -9.95 0.87 23.30
C CYS B 22 -9.43 2.24 22.88
N THR B 23 -8.13 2.32 22.60
CA THR B 23 -7.49 3.57 22.18
C THR B 23 -7.23 3.51 20.67
N VAL B 24 -7.84 4.42 19.94
CA VAL B 24 -7.71 4.47 18.49
C VAL B 24 -6.57 5.41 18.14
N SER B 25 -5.57 4.89 17.43
CA SER B 25 -4.42 5.67 17.00
C SER B 25 -4.40 5.78 15.49
N GLY B 26 -3.73 6.81 14.99
CA GLY B 26 -3.69 7.06 13.57
C GLY B 26 -4.96 7.61 12.98
N GLY B 27 -5.94 7.94 13.81
CA GLY B 27 -7.20 8.48 13.33
C GLY B 27 -8.07 8.88 14.50
N SER B 28 -9.21 9.49 14.17
CA SER B 28 -10.16 9.95 15.17
C SER B 28 -11.37 9.02 15.22
N VAL B 29 -12.07 9.06 16.35
CA VAL B 29 -13.28 8.26 16.53
C VAL B 29 -14.54 9.02 16.14
N SER B 30 -14.42 10.30 15.79
CA SER B 30 -15.58 11.13 15.45
C SER B 30 -15.78 11.17 13.93
N SER B 31 -16.07 10.00 13.38
CA SER B 31 -16.35 9.86 11.95
C SER B 31 -17.66 9.12 11.77
N GLY B 32 -18.46 9.57 10.80
CA GLY B 32 -19.72 8.94 10.49
C GLY B 32 -19.64 7.68 9.67
N ASP B 33 -18.44 7.19 9.40
CA ASP B 33 -18.24 6.04 8.53
C ASP B 33 -17.97 4.74 9.28
N TYR B 34 -17.93 4.76 10.61
CA TYR B 34 -17.51 3.59 11.37
C TYR B 34 -18.36 3.41 12.62
N TYR B 35 -18.61 2.14 12.96
CA TYR B 35 -19.21 1.77 14.23
C TYR B 35 -18.11 1.25 15.14
N TRP B 36 -17.97 1.85 16.31
CA TRP B 36 -16.94 1.43 17.26
C TRP B 36 -17.50 0.29 18.09
N THR B 37 -16.97 -0.91 17.87
CA THR B 37 -17.62 -2.16 18.22
C THR B 37 -16.76 -2.96 19.20
N TRP B 38 -17.44 -3.73 20.05
CA TRP B 38 -16.79 -4.69 20.94
C TRP B 38 -17.23 -6.09 20.56
N ILE B 39 -16.27 -7.01 20.50
CA ILE B 39 -16.52 -8.39 20.14
C ILE B 39 -15.73 -9.27 21.09
N ARG B 40 -16.33 -10.37 21.53
CA ARG B 40 -15.66 -11.31 22.41
C ARG B 40 -15.67 -12.71 21.82
N GLN B 41 -14.71 -13.52 22.25
CA GLN B 41 -14.54 -14.88 21.76
C GLN B 41 -14.22 -15.79 22.93
N SER B 42 -14.93 -16.92 23.01
CA SER B 42 -14.75 -17.88 24.08
C SER B 42 -15.17 -19.25 23.58
N PRO B 43 -14.65 -20.32 24.19
CA PRO B 43 -15.19 -21.64 23.90
C PRO B 43 -16.60 -21.78 24.48
N GLY B 44 -17.49 -22.39 23.70
CA GLY B 44 -18.88 -22.51 24.07
C GLY B 44 -19.76 -21.40 23.52
N LYS B 45 -19.20 -20.20 23.31
CA LYS B 45 -19.92 -19.11 22.70
C LYS B 45 -19.36 -18.68 21.35
N GLY B 46 -18.12 -19.06 21.02
CA GLY B 46 -17.52 -18.66 19.77
C GLY B 46 -17.35 -17.15 19.70
N LEU B 47 -17.33 -16.65 18.46
CA LEU B 47 -17.28 -15.21 18.24
C LEU B 47 -18.67 -14.61 18.46
N GLU B 48 -18.74 -13.60 19.32
CA GLU B 48 -20.01 -13.02 19.72
C GLU B 48 -19.94 -11.50 19.60
N TRP B 49 -20.94 -10.93 18.92
CA TRP B 49 -21.02 -9.48 18.76
C TRP B 49 -21.66 -8.87 20.01
N ILE B 50 -20.90 -8.02 20.70
CA ILE B 50 -21.39 -7.43 21.94
C ILE B 50 -22.24 -6.20 21.65
N GLY B 51 -21.74 -5.31 20.79
CA GLY B 51 -22.46 -4.10 20.46
C GLY B 51 -21.50 -3.05 19.95
N HIS B 52 -22.07 -1.91 19.58
CA HIS B 52 -21.28 -0.80 19.05
C HIS B 52 -21.88 0.51 19.54
N ILE B 53 -21.25 1.61 19.14
CA ILE B 53 -21.73 2.95 19.42
C ILE B 53 -21.34 3.86 18.28
N TYR B 54 -22.29 4.69 17.86
CA TYR B 54 -22.07 5.67 16.80
C TYR B 54 -21.66 7.00 17.41
N TYR B 55 -20.92 7.81 16.65
CA TYR B 55 -20.44 9.07 17.17
C TYR B 55 -21.56 10.07 17.46
N SER B 56 -22.79 9.74 17.08
CA SER B 56 -23.95 10.52 17.50
C SER B 56 -24.43 10.17 18.90
N GLY B 57 -23.84 9.14 19.52
CA GLY B 57 -24.27 8.65 20.80
C GLY B 57 -25.17 7.44 20.74
N ASN B 58 -25.76 7.16 19.57
CA ASN B 58 -26.65 6.02 19.44
C ASN B 58 -25.86 4.71 19.63
N THR B 59 -26.47 3.77 20.36
CA THR B 59 -25.86 2.50 20.66
C THR B 59 -26.78 1.36 20.23
N ASN B 60 -26.18 0.22 19.90
CA ASN B 60 -26.91 -1.00 19.63
C ASN B 60 -26.24 -2.14 20.39
N TYR B 61 -27.02 -2.86 21.18
CA TYR B 61 -26.50 -3.91 22.04
C TYR B 61 -27.12 -5.25 21.67
N ASN B 62 -26.33 -6.30 21.80
CA ASN B 62 -26.84 -7.65 21.68
C ASN B 62 -27.83 -7.90 22.82
N PRO B 63 -29.05 -8.35 22.54
CA PRO B 63 -30.02 -8.58 23.62
C PRO B 63 -29.58 -9.62 24.64
N SER B 64 -28.60 -10.46 24.32
CA SER B 64 -28.10 -11.43 25.29
C SER B 64 -27.28 -10.76 26.39
N LEU B 65 -26.73 -9.58 26.13
CA LEU B 65 -25.93 -8.84 27.10
C LEU B 65 -26.48 -7.46 27.42
N LYS B 66 -27.65 -7.10 26.85
CA LYS B 66 -28.15 -5.73 26.95
C LYS B 66 -28.31 -5.27 28.38
N SER B 67 -28.91 -6.11 29.24
CA SER B 67 -29.24 -5.69 30.59
C SER B 67 -28.03 -5.27 31.40
N ARG B 68 -26.84 -5.73 31.02
CA ARG B 68 -25.62 -5.47 31.78
C ARG B 68 -24.58 -4.70 30.97
N LEU B 69 -24.99 -4.07 29.87
CA LEU B 69 -24.05 -3.54 28.89
C LEU B 69 -24.09 -2.02 28.86
N THR B 70 -22.92 -1.41 28.67
CA THR B 70 -22.81 0.03 28.51
C THR B 70 -21.56 0.32 27.68
N ILE B 71 -21.75 0.98 26.53
CA ILE B 71 -20.66 1.36 25.65
C ILE B 71 -20.70 2.88 25.48
N SER B 72 -19.56 3.53 25.66
CA SER B 72 -19.49 4.98 25.61
C SER B 72 -18.28 5.42 24.80
N ILE B 73 -18.31 6.67 24.35
CA ILE B 73 -17.25 7.26 23.55
C ILE B 73 -16.67 8.45 24.30
N ASP B 74 -15.35 8.61 24.22
CA ASP B 74 -14.65 9.81 24.67
C ASP B 74 -13.87 10.34 23.47
N THR B 75 -14.53 11.14 22.63
CA THR B 75 -13.88 11.69 21.46
C THR B 75 -12.70 12.57 21.81
N SER B 76 -12.65 13.08 23.04
CA SER B 76 -11.54 13.94 23.46
C SER B 76 -10.21 13.20 23.37
N LYS B 77 -10.16 12.00 23.96
CA LYS B 77 -8.94 11.18 23.95
C LYS B 77 -8.96 10.14 22.85
N THR B 78 -9.91 10.22 21.92
CA THR B 78 -10.08 9.26 20.83
C THR B 78 -10.13 7.84 21.37
N GLN B 79 -11.10 7.59 22.24
CA GLN B 79 -11.27 6.30 22.89
C GLN B 79 -12.76 5.97 22.97
N PHE B 80 -13.03 4.68 23.12
CA PHE B 80 -14.36 4.19 23.45
C PHE B 80 -14.21 2.99 24.37
N SER B 81 -15.16 2.85 25.30
CA SER B 81 -15.00 1.92 26.41
C SER B 81 -16.14 0.91 26.44
N LEU B 82 -15.94 -0.13 27.24
CA LEU B 82 -16.91 -1.20 27.43
C LEU B 82 -17.13 -1.41 28.91
N LYS B 83 -18.40 -1.56 29.30
CA LYS B 83 -18.77 -1.80 30.69
C LYS B 83 -19.78 -2.93 30.74
N LEU B 84 -19.41 -4.02 31.41
CA LEU B 84 -20.26 -5.20 31.54
C LEU B 84 -20.36 -5.54 33.03
N SER B 85 -21.53 -5.35 33.61
CA SER B 85 -21.74 -5.53 35.04
C SER B 85 -22.29 -6.92 35.34
N SER B 86 -22.23 -7.29 36.62
CA SER B 86 -22.76 -8.55 37.12
C SER B 86 -22.21 -9.74 36.34
N VAL B 87 -20.89 -9.78 36.21
CA VAL B 87 -20.23 -10.79 35.40
C VAL B 87 -20.20 -12.13 36.14
N THR B 88 -20.25 -13.21 35.37
CA THR B 88 -20.08 -14.56 35.86
C THR B 88 -18.99 -15.24 35.04
N ALA B 89 -18.72 -16.51 35.35
CA ALA B 89 -17.74 -17.27 34.60
C ALA B 89 -18.09 -17.37 33.12
N ALA B 90 -19.36 -17.17 32.77
CA ALA B 90 -19.78 -17.19 31.38
C ALA B 90 -19.28 -15.97 30.61
N ASP B 91 -18.77 -14.95 31.29
CA ASP B 91 -18.23 -13.76 30.64
C ASP B 91 -16.72 -13.84 30.43
N THR B 92 -16.06 -14.87 30.97
CA THR B 92 -14.65 -15.07 30.69
C THR B 92 -14.45 -15.34 29.21
N ALA B 93 -13.68 -14.48 28.55
CA ALA B 93 -13.47 -14.57 27.11
C ALA B 93 -12.33 -13.66 26.72
N ILE B 94 -11.97 -13.71 25.45
CA ILE B 94 -11.08 -12.74 24.83
C ILE B 94 -11.94 -11.64 24.23
N TYR B 95 -11.65 -10.39 24.58
CA TYR B 95 -12.44 -9.24 24.16
C TYR B 95 -11.65 -8.43 23.14
N TYR B 96 -12.24 -8.24 21.97
CA TYR B 96 -11.66 -7.41 20.92
C TYR B 96 -12.46 -6.11 20.80
N CYS B 97 -11.75 -5.02 20.53
CA CYS B 97 -12.40 -3.80 20.07
C CYS B 97 -12.17 -3.67 18.57
N VAL B 98 -13.24 -3.39 17.83
CA VAL B 98 -13.27 -3.56 16.38
C VAL B 98 -13.85 -2.31 15.74
N ARG B 99 -13.31 -1.93 14.59
CA ARG B 99 -13.88 -0.88 13.76
C ARG B 99 -14.82 -1.53 12.75
N ASP B 100 -16.12 -1.24 12.88
CA ASP B 100 -17.13 -1.79 12.00
C ASP B 100 -17.55 -0.68 11.03
N ARG B 101 -17.03 -0.73 9.80
CA ARG B 101 -17.42 0.26 8.81
C ARG B 101 -18.90 0.11 8.48
N VAL B 102 -19.58 1.24 8.31
CA VAL B 102 -21.01 1.24 8.05
C VAL B 102 -21.34 0.52 6.75
N THR B 103 -20.38 0.44 5.82
CA THR B 103 -20.58 -0.37 4.62
C THR B 103 -20.92 -1.82 4.98
N GLY B 104 -20.31 -2.34 6.04
CA GLY B 104 -20.73 -3.62 6.59
C GLY B 104 -19.64 -4.61 6.93
N ALA B 105 -18.47 -4.16 7.39
CA ALA B 105 -17.37 -5.09 7.62
C ALA B 105 -16.55 -4.71 8.84
N PHE B 106 -16.13 -5.73 9.60
CA PHE B 106 -15.17 -5.57 10.68
C PHE B 106 -13.77 -5.54 10.08
N ASP B 107 -13.38 -4.37 9.59
CA ASP B 107 -12.16 -4.26 8.80
C ASP B 107 -10.90 -3.99 9.60
N ILE B 108 -11.03 -3.57 10.87
CA ILE B 108 -9.87 -3.33 11.71
C ILE B 108 -10.17 -3.87 13.11
N TRP B 109 -9.30 -4.77 13.60
CA TRP B 109 -9.45 -5.39 14.90
C TRP B 109 -8.29 -5.02 15.80
N GLY B 110 -8.54 -5.01 17.10
CA GLY B 110 -7.46 -4.95 18.07
C GLY B 110 -6.84 -6.33 18.27
N GLN B 111 -5.72 -6.34 18.99
CA GLN B 111 -5.03 -7.61 19.24
C GLN B 111 -5.85 -8.52 20.13
N GLY B 112 -6.67 -7.96 21.02
CA GLY B 112 -7.49 -8.77 21.90
C GLY B 112 -6.91 -8.90 23.29
N THR B 113 -7.77 -8.84 24.30
CA THR B 113 -7.34 -8.94 25.69
C THR B 113 -8.12 -10.05 26.38
N MET B 114 -7.42 -10.83 27.20
CA MET B 114 -8.03 -11.94 27.92
C MET B 114 -8.60 -11.44 29.23
N VAL B 115 -9.87 -11.76 29.49
CA VAL B 115 -10.57 -11.38 30.70
C VAL B 115 -11.10 -12.64 31.36
N THR B 116 -10.69 -12.89 32.60
CA THR B 116 -11.10 -14.07 33.34
C THR B 116 -11.94 -13.64 34.53
N VAL B 117 -13.13 -14.22 34.64
CA VAL B 117 -14.03 -13.96 35.76
C VAL B 117 -13.84 -15.09 36.77
N SER B 118 -13.29 -14.75 37.94
CA SER B 118 -13.01 -15.74 38.96
C SER B 118 -12.80 -15.04 40.30
N SER B 119 -13.29 -15.66 41.37
CA SER B 119 -13.06 -15.14 42.70
C SER B 119 -11.66 -15.47 43.22
N ALA B 120 -10.89 -16.27 42.48
CA ALA B 120 -9.52 -16.57 42.86
C ALA B 120 -8.64 -15.33 42.76
N SER B 121 -7.49 -15.39 43.42
CA SER B 121 -6.58 -14.26 43.49
C SER B 121 -5.44 -14.41 42.50
N THR B 122 -4.85 -13.27 42.14
CA THR B 122 -3.75 -13.26 41.18
C THR B 122 -2.48 -13.83 41.81
N LYS B 123 -1.77 -14.64 41.03
CA LYS B 123 -0.50 -15.22 41.46
C LYS B 123 0.51 -15.13 40.33
N GLY B 124 1.69 -14.58 40.64
CA GLY B 124 2.76 -14.47 39.67
C GLY B 124 3.43 -15.79 39.40
N PRO B 125 4.08 -15.91 38.25
CA PRO B 125 4.68 -17.18 37.85
C PRO B 125 6.10 -17.37 38.38
N SER B 126 6.47 -18.64 38.50
CA SER B 126 7.85 -19.04 38.76
C SER B 126 8.46 -19.54 37.45
N VAL B 127 9.65 -19.06 37.13
CA VAL B 127 10.32 -19.39 35.87
C VAL B 127 11.51 -20.29 36.18
N PHE B 128 11.49 -21.49 35.63
CA PHE B 128 12.57 -22.46 35.83
C PHE B 128 13.23 -22.79 34.50
N PRO B 129 14.53 -23.04 34.49
CA PRO B 129 15.22 -23.34 33.24
C PRO B 129 14.95 -24.76 32.76
N LEU B 130 15.03 -24.93 31.44
CA LEU B 130 14.94 -26.23 30.80
C LEU B 130 16.26 -26.46 30.07
N ALA B 131 17.16 -27.21 30.69
CA ALA B 131 18.47 -27.49 30.11
C ALA B 131 18.70 -28.99 30.09
N PRO B 132 19.40 -29.50 29.07
CA PRO B 132 19.67 -30.93 29.00
C PRO B 132 20.58 -31.39 30.13
N CYS B 133 20.58 -32.71 30.35
CA CYS B 133 21.43 -33.32 31.37
C CYS B 133 22.80 -33.64 30.76
N SER B 134 23.55 -32.56 30.53
CA SER B 134 24.88 -32.63 29.91
C SER B 134 24.82 -33.34 28.55
N SER B 140 23.03 -32.37 14.16
CA SER B 140 23.08 -32.23 15.62
C SER B 140 22.32 -30.98 16.08
N THR B 141 21.20 -31.20 16.73
CA THR B 141 20.34 -30.11 17.22
C THR B 141 20.15 -30.27 18.73
N ALA B 142 20.34 -29.18 19.46
CA ALA B 142 20.14 -29.15 20.90
C ALA B 142 18.96 -28.24 21.23
N ALA B 143 18.38 -28.46 22.42
CA ALA B 143 17.19 -27.74 22.84
C ALA B 143 17.36 -27.22 24.26
N LEU B 144 16.83 -26.02 24.49
CA LEU B 144 16.77 -25.43 25.82
C LEU B 144 15.49 -24.61 25.91
N GLY B 145 15.15 -24.19 27.12
CA GLY B 145 13.93 -23.42 27.27
C GLY B 145 13.69 -22.99 28.70
N CYS B 146 12.48 -22.48 28.93
CA CYS B 146 12.03 -22.01 30.23
C CYS B 146 10.71 -22.68 30.59
N LEU B 147 10.44 -22.78 31.89
CA LEU B 147 9.20 -23.34 32.40
C LEU B 147 8.50 -22.28 33.24
N VAL B 148 7.39 -21.76 32.72
CA VAL B 148 6.60 -20.75 33.42
C VAL B 148 5.56 -21.49 34.24
N LYS B 149 5.80 -21.58 35.55
CA LYS B 149 5.07 -22.48 36.43
C LYS B 149 4.19 -21.70 37.40
N ASP B 150 2.96 -22.19 37.60
CA ASP B 150 2.06 -21.72 38.64
C ASP B 150 1.76 -20.23 38.56
N TYR B 151 0.87 -19.83 37.66
CA TYR B 151 0.43 -18.45 37.58
C TYR B 151 -1.07 -18.41 37.34
N PHE B 152 -1.67 -17.25 37.63
CA PHE B 152 -3.10 -17.05 37.44
C PHE B 152 -3.41 -15.56 37.45
N PRO B 153 -4.23 -15.07 36.49
CA PRO B 153 -4.78 -15.87 35.39
C PRO B 153 -3.95 -15.77 34.12
N GLU B 154 -4.54 -16.18 33.00
CA GLU B 154 -3.89 -16.05 31.71
C GLU B 154 -3.93 -14.58 31.26
N PRO B 155 -3.02 -14.18 30.35
CA PRO B 155 -1.96 -14.97 29.73
C PRO B 155 -0.57 -14.69 30.27
N VAL B 156 0.43 -15.31 29.65
CA VAL B 156 1.84 -15.05 29.91
C VAL B 156 2.55 -14.91 28.58
N THR B 157 3.31 -13.85 28.41
CA THR B 157 4.07 -13.60 27.19
C THR B 157 5.50 -14.07 27.39
N VAL B 158 6.04 -14.79 26.41
CA VAL B 158 7.40 -15.30 26.45
C VAL B 158 8.10 -14.93 25.14
N SER B 159 9.23 -14.23 25.26
CA SER B 159 10.09 -13.96 24.12
C SER B 159 11.53 -14.33 24.50
N TRP B 160 12.37 -14.48 23.47
CA TRP B 160 13.75 -14.90 23.67
C TRP B 160 14.69 -13.83 23.14
N ASN B 161 15.65 -13.43 23.98
CA ASN B 161 16.62 -12.39 23.64
C ASN B 161 15.92 -11.09 23.23
N SER B 162 14.84 -10.76 23.95
CA SER B 162 14.09 -9.52 23.72
C SER B 162 13.57 -9.44 22.28
N GLY B 163 13.05 -10.56 21.78
CA GLY B 163 12.52 -10.62 20.43
C GLY B 163 13.54 -10.83 19.34
N ALA B 164 14.84 -10.79 19.66
CA ALA B 164 15.86 -10.98 18.64
C ALA B 164 15.94 -12.42 18.16
N LEU B 165 15.49 -13.38 18.98
CA LEU B 165 15.52 -14.80 18.64
C LEU B 165 14.09 -15.27 18.44
N THR B 166 13.76 -15.64 17.20
CA THR B 166 12.42 -16.11 16.87
C THR B 166 12.49 -17.45 16.14
N SER B 167 13.57 -17.68 15.40
CA SER B 167 13.71 -18.91 14.63
C SER B 167 13.91 -20.10 15.57
N GLY B 168 13.05 -21.10 15.44
CA GLY B 168 13.15 -22.30 16.24
C GLY B 168 12.52 -22.22 17.61
N VAL B 169 11.68 -21.22 17.88
CA VAL B 169 11.04 -21.03 19.17
C VAL B 169 9.66 -21.65 19.15
N HIS B 170 9.31 -22.39 20.21
CA HIS B 170 7.99 -22.97 20.38
C HIS B 170 7.50 -22.65 21.79
N THR B 171 6.49 -21.79 21.88
CA THR B 171 5.85 -21.47 23.15
C THR B 171 4.51 -22.19 23.19
N PHE B 172 4.42 -23.23 24.02
CA PHE B 172 3.25 -24.09 24.00
C PHE B 172 2.06 -23.40 24.68
N PRO B 173 0.84 -23.80 24.32
CA PRO B 173 -0.33 -23.29 25.04
C PRO B 173 -0.29 -23.71 26.49
N ALA B 174 -0.79 -22.82 27.35
CA ALA B 174 -0.80 -23.09 28.78
C ALA B 174 -1.75 -24.24 29.11
N VAL B 175 -1.42 -24.99 30.15
CA VAL B 175 -2.26 -26.05 30.66
C VAL B 175 -2.70 -25.67 32.07
N LEU B 176 -3.92 -26.06 32.42
CA LEU B 176 -4.49 -25.77 33.73
C LEU B 176 -4.22 -26.97 34.64
N GLN B 177 -3.37 -26.78 35.64
CA GLN B 177 -3.04 -27.85 36.56
C GLN B 177 -4.20 -28.12 37.52
N SER B 178 -4.11 -29.23 38.24
CA SER B 178 -5.15 -29.59 39.20
C SER B 178 -5.23 -28.63 40.38
N SER B 179 -4.28 -27.72 40.51
CA SER B 179 -4.29 -26.72 41.57
C SER B 179 -5.03 -25.45 41.20
N GLY B 180 -5.59 -25.37 39.99
CA GLY B 180 -6.22 -24.16 39.53
C GLY B 180 -5.27 -23.12 38.99
N LEU B 181 -3.96 -23.39 38.97
CA LEU B 181 -2.97 -22.48 38.42
C LEU B 181 -2.53 -22.96 37.04
N TYR B 182 -2.08 -22.01 36.22
CA TYR B 182 -1.65 -22.31 34.87
C TYR B 182 -0.15 -22.56 34.81
N SER B 183 0.28 -23.19 33.73
CA SER B 183 1.69 -23.51 33.54
C SER B 183 1.93 -23.76 32.06
N LEU B 184 3.02 -23.20 31.54
CA LEU B 184 3.44 -23.42 30.16
C LEU B 184 4.96 -23.51 30.11
N SER B 185 5.47 -23.81 28.93
CA SER B 185 6.90 -23.87 28.70
C SER B 185 7.20 -23.38 27.29
N SER B 186 8.34 -22.71 27.15
CA SER B 186 8.83 -22.25 25.85
C SER B 186 10.18 -22.88 25.61
N VAL B 187 10.43 -23.30 24.37
CA VAL B 187 11.66 -24.00 24.02
C VAL B 187 12.26 -23.37 22.77
N VAL B 188 13.58 -23.54 22.64
CA VAL B 188 14.32 -23.15 21.44
C VAL B 188 15.23 -24.31 21.05
N THR B 189 15.26 -24.63 19.77
CA THR B 189 16.25 -25.58 19.25
C THR B 189 17.46 -24.81 18.75
N VAL B 190 18.65 -25.31 19.09
CA VAL B 190 19.88 -24.60 18.79
C VAL B 190 20.91 -25.56 18.22
N PRO B 191 21.60 -25.20 17.12
CA PRO B 191 22.68 -26.01 16.56
C PRO B 191 23.80 -26.28 17.56
N GLN B 198 27.34 -17.93 23.57
CA GLN B 198 26.02 -17.47 23.14
C GLN B 198 24.99 -17.58 24.25
N THR B 199 24.45 -16.44 24.67
CA THR B 199 23.52 -16.38 25.79
C THR B 199 22.09 -16.48 25.30
N TYR B 200 21.28 -17.30 25.99
CA TYR B 200 19.87 -17.47 25.68
C TYR B 200 19.06 -17.08 26.91
N THR B 201 18.22 -16.05 26.76
CA THR B 201 17.43 -15.51 27.86
C THR B 201 15.97 -15.44 27.43
N CYS B 202 15.09 -16.07 28.20
CA CYS B 202 13.66 -15.97 27.96
C CYS B 202 13.08 -14.81 28.74
N ASN B 203 12.18 -14.07 28.11
CA ASN B 203 11.56 -12.88 28.70
C ASN B 203 10.11 -13.21 29.00
N VAL B 204 9.81 -13.44 30.28
CA VAL B 204 8.47 -13.83 30.72
C VAL B 204 7.78 -12.61 31.30
N ASP B 205 6.56 -12.35 30.83
CA ASP B 205 5.77 -11.21 31.30
C ASP B 205 4.38 -11.73 31.69
N HIS B 206 3.98 -11.46 32.92
CA HIS B 206 2.66 -11.79 33.43
C HIS B 206 2.04 -10.49 33.94
N LYS B 207 1.38 -9.77 33.03
CA LYS B 207 0.83 -8.46 33.38
C LYS B 207 -0.19 -8.48 34.52
N PRO B 208 -1.09 -9.48 34.65
CA PRO B 208 -2.03 -9.44 35.78
C PRO B 208 -1.38 -9.36 37.15
N SER B 209 -0.12 -9.77 37.29
CA SER B 209 0.59 -9.67 38.56
C SER B 209 1.79 -8.72 38.49
N ASN B 210 1.96 -8.00 37.38
CA ASN B 210 3.09 -7.10 37.19
C ASN B 210 4.41 -7.82 37.40
N THR B 211 4.52 -9.03 36.87
CA THR B 211 5.71 -9.86 37.02
C THR B 211 6.44 -9.94 35.69
N LYS B 212 7.68 -9.47 35.67
CA LYS B 212 8.57 -9.62 34.52
C LYS B 212 9.82 -10.34 34.98
N VAL B 213 10.26 -11.33 34.20
CA VAL B 213 11.40 -12.16 34.56
C VAL B 213 12.26 -12.36 33.32
N ASP B 214 13.58 -12.18 33.49
CA ASP B 214 14.56 -12.48 32.44
C ASP B 214 15.41 -13.64 32.94
N LYS B 215 15.11 -14.84 32.45
CA LYS B 215 15.79 -16.06 32.89
C LYS B 215 16.84 -16.45 31.85
N THR B 216 18.11 -16.41 32.26
CA THR B 216 19.21 -16.86 31.43
C THR B 216 19.43 -18.34 31.63
N VAL B 217 19.41 -19.11 30.54
CA VAL B 217 19.46 -20.57 30.58
C VAL B 217 20.84 -21.02 30.14
N GLU B 218 21.47 -21.86 30.94
CA GLU B 218 22.77 -22.44 30.60
C GLU B 218 22.81 -23.92 31.01
N ASP C 1 22.02 26.94 -20.27
CA ASP C 1 21.19 26.00 -19.52
C ASP C 1 21.46 26.10 -18.03
N ILE C 2 20.50 25.62 -17.24
CA ILE C 2 20.67 25.53 -15.79
C ILE C 2 21.58 24.34 -15.48
N GLN C 3 22.64 24.59 -14.73
CA GLN C 3 23.56 23.54 -14.32
C GLN C 3 23.24 23.10 -12.89
N MET C 4 23.10 21.79 -12.71
CA MET C 4 22.76 21.23 -11.40
C MET C 4 23.99 20.50 -10.87
N THR C 5 24.54 20.99 -9.76
CA THR C 5 25.74 20.45 -9.16
C THR C 5 25.39 19.83 -7.82
N GLN C 6 25.65 18.53 -7.68
CA GLN C 6 25.43 17.81 -6.44
C GLN C 6 26.74 17.62 -5.69
N SER C 7 26.65 17.66 -4.36
CA SER C 7 27.81 17.55 -3.50
C SER C 7 27.40 16.81 -2.23
N PRO C 8 28.14 15.76 -1.84
CA PRO C 8 29.32 15.25 -2.54
C PRO C 8 28.94 14.30 -3.68
N SER C 9 29.94 13.88 -4.45
CA SER C 9 29.66 12.94 -5.54
C SER C 9 29.40 11.54 -5.00
N SER C 10 30.00 11.19 -3.87
CA SER C 10 29.76 9.90 -3.24
C SER C 10 30.06 10.02 -1.76
N LEU C 11 29.47 9.12 -0.98
CA LEU C 11 29.71 9.08 0.46
C LEU C 11 29.37 7.70 0.97
N SER C 12 29.90 7.40 2.15
CA SER C 12 29.58 6.17 2.87
C SER C 12 29.31 6.53 4.33
N ALA C 13 28.29 5.91 4.90
CA ALA C 13 27.89 6.20 6.26
C ALA C 13 27.35 4.93 6.91
N SER C 14 27.32 4.93 8.24
CA SER C 14 26.86 3.77 8.99
C SER C 14 25.34 3.77 9.10
N VAL C 15 24.80 2.59 9.43
CA VAL C 15 23.36 2.46 9.64
C VAL C 15 22.93 3.32 10.82
N GLY C 16 21.89 4.13 10.62
CA GLY C 16 21.42 5.03 11.63
C GLY C 16 22.01 6.43 11.58
N ASP C 17 23.01 6.65 10.73
CA ASP C 17 23.60 7.98 10.63
C ASP C 17 22.69 8.93 9.87
N ARG C 18 22.85 10.22 10.16
CA ARG C 18 22.15 11.26 9.43
C ARG C 18 22.96 11.65 8.20
N VAL C 19 22.37 11.46 7.02
CA VAL C 19 23.02 11.75 5.75
C VAL C 19 22.39 12.99 5.15
N THR C 20 23.22 13.94 4.72
CA THR C 20 22.77 15.18 4.10
C THR C 20 23.58 15.41 2.83
N ILE C 21 22.88 15.54 1.70
CA ILE C 21 23.51 15.81 0.42
C ILE C 21 22.95 17.10 -0.14
N THR C 22 23.75 17.77 -0.97
CA THR C 22 23.45 19.11 -1.44
C THR C 22 23.25 19.12 -2.95
N CYS C 23 22.24 19.87 -3.39
CA CYS C 23 22.03 20.18 -4.80
C CYS C 23 22.13 21.70 -4.96
N GLN C 24 22.88 22.14 -5.97
CA GLN C 24 23.08 23.56 -6.22
C GLN C 24 22.77 23.88 -7.67
N ALA C 25 21.89 24.85 -7.88
CA ALA C 25 21.47 25.26 -9.21
C ALA C 25 22.19 26.53 -9.64
N SER C 26 22.56 26.59 -10.92
CA SER C 26 23.26 27.75 -11.45
C SER C 26 22.37 28.97 -11.56
N GLN C 27 21.05 28.81 -11.45
CA GLN C 27 20.12 29.92 -11.46
C GLN C 27 19.08 29.70 -10.37
N ASP C 28 18.39 30.79 -10.02
CA ASP C 28 17.27 30.67 -9.09
C ASP C 28 16.15 29.89 -9.74
N ILE C 29 15.82 28.74 -9.16
CA ILE C 29 14.78 27.88 -9.69
C ILE C 29 13.59 27.78 -8.74
N SER C 30 13.46 28.75 -7.83
CA SER C 30 12.37 28.80 -6.83
C SER C 30 12.37 27.47 -6.09
N ASN C 31 11.22 26.78 -5.97
CA ASN C 31 11.18 25.44 -5.43
C ASN C 31 10.94 24.38 -6.51
N TYR C 32 11.29 24.69 -7.76
CA TYR C 32 11.07 23.77 -8.88
C TYR C 32 12.22 22.75 -8.90
N LEU C 33 12.18 21.84 -7.93
CA LEU C 33 13.26 20.89 -7.72
C LEU C 33 12.66 19.59 -7.20
N ASN C 34 13.10 18.47 -7.78
CA ASN C 34 12.69 17.15 -7.33
C ASN C 34 13.92 16.32 -6.98
N TRP C 35 13.72 15.35 -6.09
CA TRP C 35 14.75 14.41 -5.69
C TRP C 35 14.33 13.00 -6.09
N TYR C 36 15.30 12.22 -6.56
CA TYR C 36 15.05 10.87 -7.05
C TYR C 36 16.05 9.91 -6.45
N GLN C 37 15.62 8.66 -6.28
CA GLN C 37 16.44 7.58 -5.77
C GLN C 37 16.56 6.50 -6.83
N GLN C 38 17.79 6.14 -7.19
CA GLN C 38 18.04 5.09 -8.16
C GLN C 38 18.82 3.98 -7.46
N LYS C 39 18.12 2.91 -7.12
CA LYS C 39 18.75 1.72 -6.58
C LYS C 39 19.39 0.91 -7.71
N PRO C 40 20.39 0.08 -7.38
CA PRO C 40 21.08 -0.69 -8.42
C PRO C 40 20.13 -1.40 -9.37
N GLY C 41 20.41 -1.28 -10.67
CA GLY C 41 19.68 -1.98 -11.71
C GLY C 41 18.24 -1.57 -11.87
N LYS C 42 17.82 -0.45 -11.30
CA LYS C 42 16.44 -0.01 -11.34
C LYS C 42 16.36 1.41 -11.85
N ALA C 43 15.17 1.79 -12.31
CA ALA C 43 14.93 3.15 -12.77
C ALA C 43 14.87 4.10 -11.57
N PRO C 44 15.16 5.38 -11.80
CA PRO C 44 15.06 6.35 -10.70
C PRO C 44 13.64 6.45 -10.17
N LYS C 45 13.53 6.60 -8.86
CA LYS C 45 12.25 6.65 -8.17
C LYS C 45 12.11 7.99 -7.46
N LEU C 46 10.95 8.64 -7.64
CA LEU C 46 10.72 9.95 -7.04
C LEU C 46 10.54 9.82 -5.54
N LEU C 47 11.24 10.66 -4.78
CA LEU C 47 11.10 10.71 -3.33
C LEU C 47 10.56 12.05 -2.85
N ILE C 48 11.13 13.16 -3.32
CA ILE C 48 10.74 14.50 -2.90
C ILE C 48 10.37 15.30 -4.14
N TYR C 49 9.23 15.99 -4.08
CA TYR C 49 8.79 16.87 -5.15
C TYR C 49 8.57 18.28 -4.59
N ASP C 50 8.78 19.27 -5.46
CA ASP C 50 8.70 20.68 -5.08
C ASP C 50 9.63 20.98 -3.91
N ALA C 51 10.82 20.38 -3.94
CA ALA C 51 11.91 20.64 -3.02
C ALA C 51 11.65 20.14 -1.60
N SER C 52 10.41 20.28 -1.10
CA SER C 52 10.11 20.01 0.30
C SER C 52 9.06 18.93 0.54
N ASN C 53 8.26 18.56 -0.45
CA ASN C 53 7.12 17.68 -0.23
C ASN C 53 7.50 16.22 -0.42
N LEU C 54 7.04 15.38 0.50
CA LEU C 54 7.32 13.95 0.47
C LEU C 54 6.33 13.23 -0.43
N GLU C 55 6.84 12.42 -1.35
CA GLU C 55 5.97 11.67 -2.24
C GLU C 55 5.27 10.55 -1.48
N THR C 56 4.02 10.28 -1.86
CA THR C 56 3.23 9.26 -1.18
C THR C 56 3.89 7.90 -1.30
N GLY C 57 3.94 7.17 -0.18
CA GLY C 57 4.57 5.87 -0.13
C GLY C 57 6.05 5.87 0.17
N VAL C 58 6.69 7.04 0.17
CA VAL C 58 8.11 7.16 0.47
C VAL C 58 8.29 7.16 1.99
N PRO C 59 9.27 6.44 2.53
CA PRO C 59 9.46 6.43 4.00
C PRO C 59 9.67 7.83 4.56
N SER C 60 9.30 7.99 5.83
CA SER C 60 9.37 9.30 6.47
C SER C 60 10.79 9.75 6.75
N ARG C 61 11.77 8.84 6.68
CA ARG C 61 13.15 9.23 6.96
C ARG C 61 13.79 10.04 5.85
N PHE C 62 13.12 10.16 4.69
CA PHE C 62 13.61 10.99 3.60
C PHE C 62 12.91 12.34 3.63
N SER C 63 13.69 13.40 3.42
CA SER C 63 13.13 14.75 3.42
C SER C 63 13.99 15.66 2.56
N GLY C 64 13.38 16.75 2.11
CA GLY C 64 14.08 17.74 1.32
C GLY C 64 13.79 19.14 1.84
N SER C 65 14.64 20.08 1.45
CA SER C 65 14.51 21.46 1.91
C SER C 65 15.27 22.38 0.96
N GLY C 66 14.82 23.63 0.89
CA GLY C 66 15.51 24.63 0.10
C GLY C 66 14.68 25.30 -0.97
N SER C 67 15.11 26.49 -1.38
CA SER C 67 14.51 27.20 -2.50
C SER C 67 15.55 28.14 -3.08
N GLY C 68 15.39 28.46 -4.36
CA GLY C 68 16.33 29.34 -5.03
C GLY C 68 17.46 28.59 -5.72
N THR C 69 18.63 28.55 -5.09
CA THR C 69 19.80 27.92 -5.69
C THR C 69 20.34 26.74 -4.89
N ASP C 70 20.11 26.68 -3.58
CA ASP C 70 20.71 25.67 -2.72
C ASP C 70 19.63 24.80 -2.08
N PHE C 71 19.76 23.49 -2.25
CA PHE C 71 18.80 22.52 -1.74
C PHE C 71 19.54 21.39 -1.04
N THR C 72 18.90 20.83 -0.01
CA THR C 72 19.48 19.73 0.74
C THR C 72 18.49 18.57 0.83
N PHE C 73 19.01 17.36 0.61
CA PHE C 73 18.26 16.13 0.78
C PHE C 73 18.83 15.39 1.99
N THR C 74 17.95 14.95 2.89
CA THR C 74 18.38 14.39 4.16
C THR C 74 17.77 13.02 4.38
N ILE C 75 18.59 12.05 4.78
CA ILE C 75 18.14 10.78 5.31
C ILE C 75 18.36 10.83 6.81
N SER C 76 17.28 10.88 7.58
CA SER C 76 17.39 11.06 9.03
C SER C 76 18.12 9.89 9.68
N SER C 77 17.80 8.67 9.28
CA SER C 77 18.45 7.47 9.80
C SER C 77 18.74 6.53 8.64
N LEU C 78 20.01 6.39 8.29
CA LEU C 78 20.39 5.62 7.11
C LEU C 78 20.09 4.14 7.34
N GLN C 79 19.42 3.52 6.37
CA GLN C 79 19.06 2.12 6.41
C GLN C 79 19.81 1.34 5.32
N PRO C 80 20.07 0.04 5.54
CA PRO C 80 20.87 -0.72 4.57
C PRO C 80 20.25 -0.78 3.19
N GLU C 81 18.94 -0.61 3.06
CA GLU C 81 18.30 -0.64 1.75
C GLU C 81 18.36 0.70 1.03
N ASP C 82 18.95 1.72 1.64
CA ASP C 82 19.08 3.04 1.03
C ASP C 82 20.31 3.14 0.12
N ILE C 83 21.00 2.03 -0.12
CA ILE C 83 22.11 1.99 -1.07
C ILE C 83 21.58 2.35 -2.44
N ALA C 84 21.92 3.54 -2.93
CA ALA C 84 21.41 4.03 -4.20
C ALA C 84 22.18 5.28 -4.59
N THR C 85 21.93 5.74 -5.81
CA THR C 85 22.41 7.04 -6.28
C THR C 85 21.24 8.02 -6.29
N TYR C 86 21.44 9.18 -5.69
CA TYR C 86 20.39 10.16 -5.49
C TYR C 86 20.61 11.36 -6.40
N PHE C 87 19.60 11.68 -7.20
CA PHE C 87 19.67 12.76 -8.18
C PHE C 87 18.70 13.88 -7.80
N CYS C 88 19.10 15.12 -8.05
CA CYS C 88 18.18 16.23 -8.07
C CYS C 88 17.87 16.61 -9.52
N GLN C 89 16.72 17.27 -9.71
CA GLN C 89 16.25 17.59 -11.05
C GLN C 89 15.41 18.85 -10.99
N HIS C 90 15.66 19.78 -11.91
CA HIS C 90 14.94 21.03 -11.98
C HIS C 90 13.93 21.00 -13.11
N PHE C 91 12.89 21.81 -12.97
CA PHE C 91 11.91 22.02 -14.04
C PHE C 91 11.53 23.49 -14.11
N ASP C 92 12.51 24.36 -13.85
CA ASP C 92 12.25 25.80 -13.86
C ASP C 92 11.91 26.29 -15.26
N HIS C 93 12.68 25.89 -16.26
CA HIS C 93 12.39 26.22 -17.64
C HIS C 93 13.09 25.22 -18.55
N LEU C 94 12.76 25.27 -19.82
CA LEU C 94 13.30 24.31 -20.78
C LEU C 94 14.76 24.61 -21.06
N PRO C 95 15.62 23.58 -21.17
CA PRO C 95 15.25 22.17 -20.99
C PRO C 95 15.34 21.72 -19.53
N LEU C 96 14.68 20.62 -19.20
CA LEU C 96 14.80 20.05 -17.87
C LEU C 96 16.14 19.31 -17.75
N ALA C 97 16.68 19.27 -16.54
CA ALA C 97 18.00 18.69 -16.35
C ALA C 97 18.09 18.04 -14.97
N PHE C 98 18.94 17.04 -14.88
CA PHE C 98 19.28 16.39 -13.62
C PHE C 98 20.63 16.88 -13.12
N GLY C 99 20.89 16.57 -11.85
CA GLY C 99 22.23 16.71 -11.31
C GLY C 99 23.08 15.49 -11.60
N GLY C 100 24.35 15.57 -11.22
CA GLY C 100 25.27 14.48 -11.45
C GLY C 100 24.99 13.24 -10.61
N GLY C 101 24.32 13.38 -9.48
CA GLY C 101 24.03 12.26 -8.64
C GLY C 101 25.02 12.10 -7.49
N THR C 102 24.53 11.55 -6.38
CA THR C 102 25.35 11.29 -5.20
C THR C 102 25.19 9.82 -4.83
N LYS C 103 26.30 9.07 -4.89
CA LYS C 103 26.27 7.66 -4.52
C LYS C 103 26.37 7.51 -3.00
N VAL C 104 25.43 6.77 -2.42
CA VAL C 104 25.39 6.52 -0.98
C VAL C 104 25.65 5.03 -0.75
N GLU C 105 26.64 4.74 0.09
CA GLU C 105 27.01 3.37 0.44
C GLU C 105 26.97 3.20 1.96
N ILE C 106 26.80 1.95 2.38
CA ILE C 106 26.70 1.61 3.79
C ILE C 106 28.09 1.30 4.33
N LYS C 107 28.45 1.92 5.44
CA LYS C 107 29.69 1.62 6.14
C LYS C 107 29.39 0.60 7.22
N ARG C 108 29.86 -0.63 7.04
CA ARG C 108 29.64 -1.72 7.98
C ARG C 108 30.97 -2.28 8.47
N THR C 109 30.88 -3.31 9.30
CA THR C 109 32.08 -3.96 9.82
C THR C 109 32.81 -4.71 8.72
N VAL C 110 34.11 -4.87 8.91
CA VAL C 110 34.94 -5.56 7.92
C VAL C 110 34.55 -7.03 7.87
N ALA C 111 34.38 -7.56 6.66
CA ALA C 111 34.07 -8.97 6.45
C ALA C 111 35.00 -9.51 5.37
N ALA C 112 35.65 -10.63 5.67
CA ALA C 112 36.59 -11.24 4.75
C ALA C 112 35.84 -12.00 3.64
N PRO C 113 36.38 -12.00 2.43
CA PRO C 113 35.71 -12.72 1.34
C PRO C 113 35.93 -14.22 1.39
N SER C 114 34.96 -14.94 0.83
CA SER C 114 35.09 -16.37 0.59
C SER C 114 35.56 -16.57 -0.84
N VAL C 115 36.72 -17.22 -1.01
CA VAL C 115 37.40 -17.31 -2.30
C VAL C 115 37.13 -18.67 -2.92
N PHE C 116 36.79 -18.67 -4.21
CA PHE C 116 36.58 -19.87 -4.99
C PHE C 116 37.25 -19.70 -6.34
N ILE C 117 37.83 -20.78 -6.87
CA ILE C 117 38.45 -20.77 -8.18
C ILE C 117 37.79 -21.85 -9.03
N PHE C 118 37.51 -21.52 -10.30
CA PHE C 118 36.82 -22.42 -11.20
C PHE C 118 37.70 -22.72 -12.42
N PRO C 119 38.03 -23.97 -12.69
CA PRO C 119 38.79 -24.29 -13.90
C PRO C 119 37.94 -24.08 -15.15
N PRO C 120 38.58 -23.92 -16.30
CA PRO C 120 37.80 -23.85 -17.55
C PRO C 120 37.17 -25.20 -17.86
N SER C 121 35.93 -25.18 -18.31
CA SER C 121 35.22 -26.40 -18.63
C SER C 121 35.81 -27.04 -19.89
N ASP C 122 35.72 -28.37 -19.96
CA ASP C 122 36.15 -29.08 -21.16
C ASP C 122 35.31 -28.70 -22.37
N GLU C 123 34.08 -28.23 -22.16
CA GLU C 123 33.28 -27.71 -23.26
C GLU C 123 33.95 -26.50 -23.90
N GLN C 124 34.45 -25.58 -23.08
CA GLN C 124 35.09 -24.39 -23.61
C GLN C 124 36.47 -24.70 -24.20
N LEU C 125 37.17 -25.67 -23.62
CA LEU C 125 38.50 -26.01 -24.11
C LEU C 125 38.47 -26.51 -25.55
N LYS C 126 37.34 -27.07 -25.99
CA LYS C 126 37.23 -27.51 -27.38
C LYS C 126 37.23 -26.34 -28.34
N SER C 127 36.77 -25.16 -27.90
CA SER C 127 36.66 -24.00 -28.76
C SER C 127 37.99 -23.28 -28.96
N GLY C 128 39.03 -23.64 -28.20
CA GLY C 128 40.33 -23.01 -28.34
C GLY C 128 40.64 -21.91 -27.37
N THR C 129 39.76 -21.65 -26.39
CA THR C 129 39.99 -20.62 -25.39
C THR C 129 39.72 -21.20 -24.01
N ALA C 130 40.41 -20.66 -23.00
CA ALA C 130 40.30 -21.12 -21.63
C ALA C 130 40.04 -19.93 -20.72
N SER C 131 38.98 -20.01 -19.93
CA SER C 131 38.62 -18.97 -18.98
C SER C 131 38.68 -19.54 -17.57
N VAL C 132 39.55 -18.99 -16.74
CA VAL C 132 39.65 -19.35 -15.33
C VAL C 132 39.03 -18.23 -14.52
N VAL C 133 38.12 -18.58 -13.62
CA VAL C 133 37.32 -17.60 -12.88
C VAL C 133 37.64 -17.72 -11.40
N CYS C 134 37.85 -16.57 -10.76
CA CYS C 134 38.09 -16.48 -9.32
C CYS C 134 36.95 -15.68 -8.72
N LEU C 135 36.37 -16.19 -7.64
CA LEU C 135 35.19 -15.59 -7.02
C LEU C 135 35.52 -15.14 -5.62
N LEU C 136 35.31 -13.84 -5.34
CA LEU C 136 35.39 -13.27 -4.01
C LEU C 136 33.97 -12.92 -3.58
N ASN C 137 33.49 -13.56 -2.52
CA ASN C 137 32.07 -13.54 -2.20
C ASN C 137 31.83 -12.89 -0.85
N ASN C 138 30.93 -11.91 -0.81
CA ASN C 138 30.41 -11.31 0.41
C ASN C 138 31.51 -10.78 1.30
N PHE C 139 32.11 -9.65 0.92
CA PHE C 139 33.17 -9.03 1.70
C PHE C 139 32.90 -7.53 1.85
N TYR C 140 33.63 -6.92 2.80
CA TYR C 140 33.62 -5.48 2.99
C TYR C 140 34.93 -5.11 3.68
N PRO C 141 35.60 -4.03 3.28
CA PRO C 141 35.20 -3.06 2.25
C PRO C 141 35.36 -3.55 0.82
N ARG C 142 35.13 -2.63 -0.14
CA ARG C 142 35.11 -3.00 -1.55
C ARG C 142 36.51 -3.25 -2.09
N GLU C 143 37.52 -2.60 -1.52
CA GLU C 143 38.87 -2.68 -2.05
C GLU C 143 39.45 -4.08 -1.85
N ALA C 144 39.81 -4.73 -2.95
CA ALA C 144 40.37 -6.08 -2.91
C ALA C 144 41.38 -6.22 -4.04
N LYS C 145 42.42 -6.99 -3.80
CA LYS C 145 43.49 -7.23 -4.76
C LYS C 145 43.48 -8.70 -5.15
N VAL C 146 43.27 -8.97 -6.45
CA VAL C 146 43.25 -10.32 -6.99
C VAL C 146 44.48 -10.49 -7.86
N GLN C 147 45.32 -11.47 -7.52
CA GLN C 147 46.57 -11.72 -8.23
C GLN C 147 46.54 -13.14 -8.79
N TRP C 148 46.66 -13.24 -10.11
CA TRP C 148 46.68 -14.53 -10.79
C TRP C 148 48.11 -15.04 -10.88
N LYS C 149 48.31 -16.31 -10.56
CA LYS C 149 49.60 -16.97 -10.67
C LYS C 149 49.43 -18.25 -11.48
N VAL C 150 50.23 -18.39 -12.53
CA VAL C 150 50.26 -19.58 -13.37
C VAL C 150 51.66 -20.15 -13.28
N ASP C 151 51.81 -21.22 -12.50
CA ASP C 151 53.12 -21.80 -12.19
C ASP C 151 54.06 -20.74 -11.60
N ASN C 152 53.55 -20.02 -10.60
CA ASN C 152 54.28 -18.98 -9.88
C ASN C 152 54.67 -17.81 -10.77
N ALA C 153 54.05 -17.68 -11.94
CA ALA C 153 54.28 -16.54 -12.82
C ALA C 153 53.10 -15.59 -12.69
N LEU C 154 53.37 -14.38 -12.21
CA LEU C 154 52.32 -13.39 -12.02
C LEU C 154 51.74 -12.95 -13.36
N GLN C 155 50.43 -13.09 -13.49
CA GLN C 155 49.73 -12.73 -14.72
C GLN C 155 49.21 -11.30 -14.63
N SER C 156 49.43 -10.53 -15.69
CA SER C 156 49.00 -9.14 -15.72
C SER C 156 48.56 -8.78 -17.13
N GLY C 157 47.49 -8.00 -17.23
CA GLY C 157 46.97 -7.57 -18.51
C GLY C 157 46.11 -8.58 -19.24
N ASN C 158 45.94 -9.78 -18.69
CA ASN C 158 45.14 -10.82 -19.32
C ASN C 158 43.95 -11.23 -18.46
N SER C 159 43.49 -10.35 -17.58
CA SER C 159 42.37 -10.64 -16.69
C SER C 159 41.48 -9.42 -16.57
N GLN C 160 40.18 -9.65 -16.64
CA GLN C 160 39.17 -8.64 -16.33
C GLN C 160 38.41 -9.08 -15.09
N GLU C 161 37.95 -8.10 -14.31
CA GLU C 161 37.16 -8.40 -13.12
C GLU C 161 35.93 -7.52 -13.08
N SER C 162 34.89 -8.04 -12.43
CA SER C 162 33.64 -7.34 -12.25
C SER C 162 33.22 -7.43 -10.78
N VAL C 163 32.56 -6.39 -10.31
CA VAL C 163 32.14 -6.29 -8.91
C VAL C 163 30.68 -5.89 -8.86
N THR C 164 29.90 -6.57 -8.01
CA THR C 164 28.50 -6.23 -7.86
C THR C 164 28.33 -4.93 -7.09
N GLU C 165 27.13 -4.36 -7.19
CA GLU C 165 26.76 -3.26 -6.32
C GLU C 165 26.66 -3.77 -4.87
N GLN C 166 26.73 -2.83 -3.93
CA GLN C 166 26.65 -3.21 -2.53
C GLN C 166 25.30 -3.85 -2.23
N ASP C 167 25.34 -5.02 -1.60
CA ASP C 167 24.11 -5.77 -1.32
C ASP C 167 23.21 -4.97 -0.38
N SER C 168 21.92 -4.90 -0.73
CA SER C 168 20.99 -4.09 0.05
C SER C 168 20.62 -4.72 1.39
N LYS C 169 21.07 -5.95 1.66
CA LYS C 169 20.74 -6.63 2.91
C LYS C 169 21.91 -6.68 3.87
N ASP C 170 23.01 -7.32 3.49
CA ASP C 170 24.18 -7.43 4.37
C ASP C 170 25.25 -6.40 4.07
N SER C 171 25.05 -5.54 3.06
CA SER C 171 25.97 -4.45 2.74
C SER C 171 27.37 -4.95 2.36
N THR C 172 27.44 -6.11 1.74
CA THR C 172 28.71 -6.68 1.29
C THR C 172 28.82 -6.57 -0.23
N TYR C 173 30.03 -6.80 -0.72
CA TYR C 173 30.32 -6.81 -2.14
C TYR C 173 30.73 -8.21 -2.59
N SER C 174 30.67 -8.43 -3.90
CA SER C 174 31.16 -9.65 -4.50
C SER C 174 31.94 -9.30 -5.75
N LEU C 175 32.99 -10.07 -6.02
CA LEU C 175 33.90 -9.79 -7.13
C LEU C 175 34.25 -11.08 -7.83
N SER C 176 34.28 -11.02 -9.17
CA SER C 176 34.70 -12.15 -10.00
C SER C 176 35.79 -11.68 -10.94
N SER C 177 36.92 -12.39 -10.93
CA SER C 177 38.04 -12.11 -11.83
C SER C 177 38.18 -13.26 -12.81
N THR C 178 38.25 -12.94 -14.10
CA THR C 178 38.32 -13.93 -15.17
C THR C 178 39.68 -13.86 -15.84
N LEU C 179 40.43 -14.96 -15.79
CA LEU C 179 41.70 -15.08 -16.48
C LEU C 179 41.48 -15.77 -17.82
N THR C 180 41.92 -15.11 -18.90
CA THR C 180 41.72 -15.62 -20.25
C THR C 180 43.05 -16.07 -20.83
N LEU C 181 43.11 -17.32 -21.29
CA LEU C 181 44.27 -17.87 -21.96
C LEU C 181 43.82 -18.58 -23.22
N SER C 182 44.75 -18.75 -24.16
CA SER C 182 44.50 -19.62 -25.29
C SER C 182 44.55 -21.08 -24.84
N LYS C 183 43.91 -21.95 -25.62
CA LYS C 183 43.91 -23.37 -25.27
C LYS C 183 45.33 -23.92 -25.24
N ALA C 184 46.15 -23.57 -26.23
CA ALA C 184 47.53 -24.06 -26.26
C ALA C 184 48.31 -23.58 -25.05
N ASP C 185 48.17 -22.30 -24.69
CA ASP C 185 48.90 -21.77 -23.54
C ASP C 185 48.38 -22.37 -22.23
N TYR C 186 47.11 -22.75 -22.18
CA TYR C 186 46.57 -23.34 -20.96
C TYR C 186 47.09 -24.76 -20.76
N GLU C 187 47.30 -25.50 -21.85
CA GLU C 187 47.83 -26.86 -21.74
C GLU C 187 49.30 -26.86 -21.35
N LYS C 188 50.02 -25.76 -21.55
CA LYS C 188 51.44 -25.71 -21.27
C LYS C 188 51.76 -25.67 -19.78
N HIS C 189 50.79 -25.39 -18.92
CA HIS C 189 51.07 -25.14 -17.52
C HIS C 189 50.19 -26.01 -16.64
N LYS C 190 50.58 -26.10 -15.36
CA LYS C 190 49.98 -27.03 -14.41
C LYS C 190 49.24 -26.32 -13.29
N VAL C 191 49.90 -25.44 -12.56
CA VAL C 191 49.32 -24.81 -11.38
C VAL C 191 48.68 -23.48 -11.78
N TYR C 192 47.41 -23.30 -11.40
CA TYR C 192 46.68 -22.05 -11.63
C TYR C 192 46.13 -21.59 -10.28
N ALA C 193 46.52 -20.39 -9.87
CA ALA C 193 46.14 -19.87 -8.56
C ALA C 193 45.72 -18.41 -8.68
N CYS C 194 44.73 -18.03 -7.87
CA CYS C 194 44.39 -16.63 -7.67
C CYS C 194 44.57 -16.31 -6.20
N GLU C 195 45.43 -15.33 -5.90
CA GLU C 195 45.69 -14.90 -4.54
C GLU C 195 44.95 -13.60 -4.28
N VAL C 196 44.22 -13.55 -3.17
CA VAL C 196 43.40 -12.40 -2.82
C VAL C 196 44.04 -11.69 -1.63
N THR C 197 43.96 -10.37 -1.63
CA THR C 197 44.42 -9.53 -0.53
C THR C 197 43.24 -8.67 -0.09
N HIS C 198 42.95 -8.69 1.21
CA HIS C 198 41.80 -7.95 1.72
C HIS C 198 42.06 -7.55 3.16
N GLN C 199 41.37 -6.47 3.59
CA GLN C 199 41.53 -5.97 4.94
C GLN C 199 41.11 -7.01 5.98
N GLY C 200 40.12 -7.83 5.66
CA GLY C 200 39.64 -8.86 6.56
C GLY C 200 40.50 -10.10 6.64
N LEU C 201 41.63 -10.12 5.91
CA LEU C 201 42.54 -11.25 5.90
C LEU C 201 43.87 -10.83 6.52
N SER C 202 44.28 -11.53 7.58
CA SER C 202 45.57 -11.24 8.20
C SER C 202 46.73 -11.55 7.26
N SER C 203 46.52 -12.49 6.33
CA SER C 203 47.51 -12.84 5.32
C SER C 203 46.75 -13.21 4.05
N PRO C 204 47.34 -13.00 2.87
CA PRO C 204 46.60 -13.29 1.64
C PRO C 204 46.23 -14.76 1.51
N VAL C 205 45.02 -15.00 1.03
CA VAL C 205 44.49 -16.35 0.86
C VAL C 205 44.64 -16.76 -0.60
N THR C 206 45.08 -18.00 -0.82
CA THR C 206 45.33 -18.52 -2.15
C THR C 206 44.46 -19.75 -2.40
N LYS C 207 43.74 -19.74 -3.52
CA LYS C 207 43.00 -20.89 -4.01
C LYS C 207 43.57 -21.31 -5.35
N SER C 208 43.79 -22.61 -5.53
CA SER C 208 44.47 -23.08 -6.73
C SER C 208 43.97 -24.46 -7.10
N PHE C 209 44.27 -24.85 -8.34
CA PHE C 209 44.00 -26.19 -8.83
C PHE C 209 45.11 -26.59 -9.79
N ASN C 210 45.22 -27.89 -10.03
CA ASN C 210 46.17 -28.44 -10.98
C ASN C 210 45.41 -28.96 -12.20
N ARG C 211 45.82 -28.51 -13.38
CA ARG C 211 45.21 -28.96 -14.62
C ARG C 211 45.37 -30.46 -14.78
N GLY C 212 44.26 -31.20 -14.70
CA GLY C 212 44.30 -32.65 -14.80
C GLY C 212 44.13 -33.33 -13.46
N GLN D 1 -1.49 0.39 -10.50
CA GLN D 1 -2.08 1.61 -11.02
C GLN D 1 -1.67 1.81 -12.48
N VAL D 2 -0.88 2.84 -12.73
CA VAL D 2 -0.42 3.18 -14.08
C VAL D 2 1.02 2.70 -14.22
N GLN D 3 1.31 2.04 -15.34
CA GLN D 3 2.64 1.52 -15.61
C GLN D 3 3.05 1.87 -17.03
N LEU D 4 4.35 2.08 -17.22
CA LEU D 4 4.94 2.32 -18.53
C LEU D 4 5.97 1.23 -18.82
N GLN D 5 6.17 0.97 -20.11
CA GLN D 5 7.17 -0.02 -20.53
C GLN D 5 7.66 0.31 -21.92
N GLU D 6 8.97 0.22 -22.11
CA GLU D 6 9.61 0.50 -23.39
C GLU D 6 9.61 -0.75 -24.26
N SER D 7 9.62 -0.52 -25.58
CA SER D 7 9.71 -1.61 -26.55
C SER D 7 10.44 -1.09 -27.77
N GLY D 8 11.25 -1.94 -28.38
CA GLY D 8 12.00 -1.57 -29.56
C GLY D 8 13.34 -2.26 -29.63
N PRO D 9 13.99 -2.16 -30.79
CA PRO D 9 15.29 -2.82 -30.95
C PRO D 9 16.36 -2.20 -30.07
N GLY D 10 17.22 -3.06 -29.52
CA GLY D 10 18.31 -2.63 -28.67
C GLY D 10 19.64 -2.43 -29.37
N LEU D 11 19.69 -2.62 -30.69
CA LEU D 11 20.90 -2.41 -31.47
C LEU D 11 20.54 -1.59 -32.70
N VAL D 12 21.21 -0.47 -32.88
CA VAL D 12 20.97 0.44 -34.00
C VAL D 12 22.31 0.72 -34.69
N LYS D 13 22.32 0.65 -36.02
CA LYS D 13 23.53 0.98 -36.75
C LYS D 13 23.75 2.50 -36.77
N PRO D 14 25.01 2.94 -36.80
CA PRO D 14 25.27 4.38 -36.83
C PRO D 14 24.66 5.03 -38.05
N SER D 15 24.30 6.32 -37.90
CA SER D 15 23.66 7.16 -38.91
C SER D 15 22.24 6.73 -39.22
N GLU D 16 21.72 5.68 -38.59
CA GLU D 16 20.34 5.26 -38.79
C GLU D 16 19.47 5.87 -37.68
N THR D 17 18.21 5.48 -37.66
CA THR D 17 17.22 6.07 -36.75
C THR D 17 16.92 5.11 -35.61
N LEU D 18 17.00 5.61 -34.38
CA LEU D 18 16.59 4.85 -33.20
C LEU D 18 15.11 5.10 -32.93
N SER D 19 14.35 4.02 -32.78
CA SER D 19 12.91 4.10 -32.57
C SER D 19 12.54 3.28 -31.35
N LEU D 20 11.73 3.87 -30.46
CA LEU D 20 11.22 3.19 -29.29
C LEU D 20 9.77 3.58 -29.08
N THR D 21 9.02 2.71 -28.42
CA THR D 21 7.61 2.94 -28.14
C THR D 21 7.31 2.59 -26.68
N CYS D 22 6.48 3.41 -26.05
CA CYS D 22 5.99 3.17 -24.70
C CYS D 22 4.52 2.76 -24.74
N THR D 23 4.17 1.75 -23.95
CA THR D 23 2.79 1.29 -23.83
C THR D 23 2.33 1.55 -22.40
N VAL D 24 1.38 2.47 -22.25
CA VAL D 24 0.86 2.84 -20.94
C VAL D 24 -0.24 1.87 -20.55
N SER D 25 -0.16 1.36 -19.32
CA SER D 25 -1.15 0.43 -18.79
C SER D 25 -1.89 1.07 -17.63
N GLY D 26 -3.13 0.62 -17.42
CA GLY D 26 -3.95 1.15 -16.35
C GLY D 26 -4.33 2.60 -16.47
N GLY D 27 -4.17 3.20 -17.64
CA GLY D 27 -4.52 4.60 -17.83
C GLY D 27 -4.41 4.98 -19.29
N SER D 28 -4.91 6.17 -19.59
CA SER D 28 -4.91 6.71 -20.94
C SER D 28 -3.88 7.82 -21.07
N VAL D 29 -3.34 7.96 -22.29
CA VAL D 29 -2.41 9.05 -22.57
C VAL D 29 -3.11 10.34 -22.94
N SER D 30 -4.44 10.33 -23.03
CA SER D 30 -5.22 11.50 -23.43
C SER D 30 -5.72 12.28 -22.21
N SER D 31 -4.81 12.59 -21.30
CA SER D 31 -5.11 13.39 -20.12
C SER D 31 -4.23 14.64 -20.12
N GLY D 32 -4.81 15.76 -19.73
CA GLY D 32 -4.10 17.02 -19.72
C GLY D 32 -3.21 17.27 -18.52
N ASP D 33 -3.08 16.31 -17.62
CA ASP D 33 -2.31 16.48 -16.41
C ASP D 33 -0.88 15.95 -16.51
N TYR D 34 -0.47 15.42 -17.66
CA TYR D 34 0.79 14.70 -17.75
C TYR D 34 1.52 15.03 -19.04
N TYR D 35 2.84 15.04 -18.97
CA TYR D 35 3.72 15.08 -20.13
C TYR D 35 4.35 13.70 -20.31
N TRP D 36 4.22 13.14 -21.50
CA TRP D 36 4.74 11.81 -21.79
C TRP D 36 6.18 11.96 -22.28
N THR D 37 7.14 11.57 -21.44
CA THR D 37 8.52 12.02 -21.53
C THR D 37 9.44 10.84 -21.80
N TRP D 38 10.57 11.14 -22.44
CA TRP D 38 11.66 10.19 -22.65
C TRP D 38 12.90 10.69 -21.94
N ILE D 39 13.50 9.82 -21.13
CA ILE D 39 14.75 10.11 -20.43
C ILE D 39 15.75 9.02 -20.79
N ARG D 40 17.03 9.40 -20.91
CA ARG D 40 18.07 8.43 -21.15
C ARG D 40 19.21 8.62 -20.15
N GLN D 41 19.96 7.54 -19.93
CA GLN D 41 21.04 7.51 -18.96
C GLN D 41 22.25 6.83 -19.56
N SER D 42 23.40 7.49 -19.51
CA SER D 42 24.64 6.97 -20.05
C SER D 42 25.79 7.45 -19.19
N PRO D 43 26.93 6.76 -19.22
CA PRO D 43 28.07 7.21 -18.40
C PRO D 43 28.60 8.58 -18.82
N GLY D 44 28.57 8.91 -20.10
CA GLY D 44 29.08 10.17 -20.58
C GLY D 44 28.12 11.34 -20.55
N LYS D 45 26.84 11.08 -20.28
CA LYS D 45 25.84 12.14 -20.23
C LYS D 45 25.00 12.12 -18.96
N GLY D 46 25.13 11.12 -18.11
CA GLY D 46 24.28 11.05 -16.92
C GLY D 46 22.83 10.88 -17.30
N LEU D 47 21.95 11.38 -16.42
CA LEU D 47 20.53 11.41 -16.70
C LEU D 47 20.21 12.64 -17.54
N GLU D 48 19.61 12.42 -18.71
CA GLU D 48 19.39 13.50 -19.67
C GLU D 48 17.93 13.50 -20.10
N TRP D 49 17.30 14.67 -20.01
CA TRP D 49 15.93 14.85 -20.46
C TRP D 49 15.91 15.02 -21.97
N ILE D 50 15.25 14.09 -22.67
CA ILE D 50 15.18 14.12 -24.13
C ILE D 50 14.05 15.03 -24.60
N GLY D 51 12.85 14.84 -24.05
CA GLY D 51 11.71 15.63 -24.45
C GLY D 51 10.43 14.95 -24.02
N HIS D 52 9.32 15.64 -24.28
CA HIS D 52 7.99 15.11 -23.95
C HIS D 52 7.01 15.49 -25.04
N ILE D 53 5.80 14.95 -24.93
CA ILE D 53 4.69 15.31 -25.80
C ILE D 53 3.42 15.42 -24.96
N TYR D 54 2.64 16.46 -25.23
CA TYR D 54 1.35 16.67 -24.59
C TYR D 54 0.26 16.00 -25.41
N TYR D 55 -0.88 15.73 -24.76
CA TYR D 55 -1.95 15.03 -25.46
C TYR D 55 -2.57 15.88 -26.57
N SER D 56 -2.25 17.17 -26.64
CA SER D 56 -2.67 18.01 -27.75
C SER D 56 -1.78 17.87 -28.97
N GLY D 57 -0.69 17.11 -28.88
CA GLY D 57 0.27 16.99 -29.96
C GLY D 57 1.44 17.93 -29.88
N ASN D 58 1.41 18.90 -28.96
CA ASN D 58 2.54 19.81 -28.78
C ASN D 58 3.69 19.09 -28.11
N THR D 59 4.92 19.40 -28.55
CA THR D 59 6.11 18.75 -28.04
C THR D 59 7.10 19.80 -27.52
N ASN D 60 8.00 19.33 -26.66
CA ASN D 60 9.13 20.12 -26.19
C ASN D 60 10.36 19.23 -26.23
N TYR D 61 11.39 19.67 -26.96
CA TYR D 61 12.60 18.89 -27.16
C TYR D 61 13.79 19.55 -26.49
N ASN D 62 14.72 18.73 -26.04
CA ASN D 62 16.00 19.24 -25.57
C ASN D 62 16.76 19.79 -26.77
N PRO D 63 17.17 21.07 -26.75
CA PRO D 63 17.87 21.63 -27.93
C PRO D 63 19.15 20.92 -28.29
N SER D 64 19.71 20.09 -27.41
CA SER D 64 20.90 19.32 -27.75
C SER D 64 20.58 18.18 -28.72
N LEU D 65 19.30 17.81 -28.85
CA LEU D 65 18.89 16.76 -29.77
C LEU D 65 17.77 17.21 -30.70
N LYS D 66 17.43 18.50 -30.68
CA LYS D 66 16.21 18.97 -31.34
C LYS D 66 16.20 18.63 -32.83
N SER D 67 17.35 18.79 -33.50
CA SER D 67 17.37 18.57 -34.94
C SER D 67 17.15 17.11 -35.32
N ARG D 68 17.48 16.19 -34.43
CA ARG D 68 17.40 14.76 -34.71
C ARG D 68 16.23 14.09 -33.98
N LEU D 69 15.35 14.87 -33.35
CA LEU D 69 14.37 14.33 -32.43
C LEU D 69 12.96 14.42 -33.01
N THR D 70 12.14 13.43 -32.67
CA THR D 70 10.72 13.43 -33.02
C THR D 70 9.99 12.56 -32.01
N ILE D 71 9.06 13.15 -31.28
CA ILE D 71 8.23 12.43 -30.32
C ILE D 71 6.79 12.55 -30.77
N SER D 72 6.11 11.40 -30.92
CA SER D 72 4.73 11.35 -31.35
C SER D 72 3.90 10.60 -30.31
N ILE D 73 2.60 10.88 -30.31
CA ILE D 73 1.65 10.24 -29.40
C ILE D 73 0.62 9.50 -30.24
N ASP D 74 0.04 8.46 -29.64
CA ASP D 74 -1.01 7.66 -30.28
C ASP D 74 -2.08 7.40 -29.21
N THR D 75 -3.01 8.34 -29.07
CA THR D 75 -4.08 8.19 -28.08
C THR D 75 -4.97 6.99 -28.37
N SER D 76 -4.90 6.44 -29.58
CA SER D 76 -5.72 5.27 -29.92
C SER D 76 -5.29 4.05 -29.13
N LYS D 77 -4.01 3.68 -29.21
CA LYS D 77 -3.49 2.49 -28.58
C LYS D 77 -2.80 2.77 -27.26
N THR D 78 -2.99 3.97 -26.71
CA THR D 78 -2.34 4.39 -25.45
C THR D 78 -0.82 4.19 -25.53
N GLN D 79 -0.22 4.85 -26.51
CA GLN D 79 1.21 4.73 -26.76
C GLN D 79 1.77 6.08 -27.18
N PHE D 80 3.06 6.29 -26.88
CA PHE D 80 3.82 7.40 -27.43
C PHE D 80 5.22 6.90 -27.73
N SER D 81 5.78 7.36 -28.85
CA SER D 81 7.00 6.80 -29.39
C SER D 81 8.12 7.84 -29.44
N LEU D 82 9.33 7.34 -29.68
CA LEU D 82 10.53 8.16 -29.77
C LEU D 82 11.24 7.91 -31.09
N LYS D 83 11.76 8.97 -31.70
CA LYS D 83 12.48 8.89 -32.97
C LYS D 83 13.74 9.73 -32.87
N LEU D 84 14.90 9.08 -33.00
CA LEU D 84 16.19 9.74 -32.95
C LEU D 84 17.00 9.33 -34.18
N SER D 85 17.21 10.28 -35.09
CA SER D 85 17.89 10.00 -36.34
C SER D 85 19.38 10.31 -36.24
N SER D 86 20.14 9.77 -37.20
CA SER D 86 21.57 10.01 -37.32
C SER D 86 22.30 9.71 -36.02
N VAL D 87 22.05 8.53 -35.47
CA VAL D 87 22.62 8.17 -34.18
C VAL D 87 24.11 7.83 -34.35
N THR D 88 24.88 8.08 -33.30
CA THR D 88 26.27 7.67 -33.18
C THR D 88 26.44 6.98 -31.83
N ALA D 89 27.68 6.57 -31.54
CA ALA D 89 27.97 5.90 -30.28
C ALA D 89 27.60 6.74 -29.08
N ALA D 90 27.57 8.07 -29.21
CA ALA D 90 27.19 8.94 -28.10
C ALA D 90 25.72 8.79 -27.73
N ASP D 91 24.92 8.11 -28.54
CA ASP D 91 23.51 7.88 -28.24
C ASP D 91 23.26 6.55 -27.57
N THR D 92 24.29 5.73 -27.38
CA THR D 92 24.16 4.51 -26.60
C THR D 92 23.83 4.85 -25.16
N ALA D 93 22.70 4.37 -24.68
CA ALA D 93 22.24 4.69 -23.33
C ALA D 93 21.08 3.76 -22.98
N ILE D 94 20.68 3.82 -21.72
CA ILE D 94 19.44 3.22 -21.26
C ILE D 94 18.35 4.27 -21.42
N TYR D 95 17.30 3.95 -22.17
CA TYR D 95 16.22 4.89 -22.44
C TYR D 95 15.02 4.56 -21.57
N TYR D 96 14.48 5.58 -20.91
CA TYR D 96 13.31 5.44 -20.05
C TYR D 96 12.13 6.20 -20.66
N CYS D 97 10.97 5.58 -20.64
CA CYS D 97 9.71 6.28 -20.86
C CYS D 97 9.16 6.72 -19.51
N VAL D 98 8.75 7.98 -19.42
CA VAL D 98 8.48 8.61 -18.13
C VAL D 98 7.18 9.40 -18.21
N ARG D 99 6.39 9.35 -17.14
CA ARG D 99 5.23 10.20 -16.98
C ARG D 99 5.62 11.42 -16.15
N ASP D 100 5.51 12.60 -16.76
CA ASP D 100 5.86 13.85 -16.11
C ASP D 100 4.57 14.63 -15.86
N ARG D 101 4.10 14.60 -14.62
CA ARG D 101 2.88 15.34 -14.29
C ARG D 101 3.15 16.84 -14.35
N VAL D 102 2.19 17.58 -14.90
CA VAL D 102 2.34 19.03 -15.09
C VAL D 102 2.63 19.73 -13.78
N THR D 103 2.20 19.15 -12.65
CA THR D 103 2.58 19.69 -11.34
C THR D 103 4.09 19.83 -11.22
N GLY D 104 4.84 18.88 -11.76
CA GLY D 104 6.28 19.05 -11.88
C GLY D 104 7.13 17.92 -11.33
N ALA D 105 6.86 16.68 -11.73
CA ALA D 105 7.64 15.57 -11.22
C ALA D 105 7.54 14.37 -12.15
N PHE D 106 8.64 13.63 -12.28
CA PHE D 106 8.67 12.36 -12.98
C PHE D 106 8.23 11.28 -11.99
N ASP D 107 6.92 11.05 -11.90
CA ASP D 107 6.38 10.19 -10.85
C ASP D 107 6.25 8.73 -11.26
N ILE D 108 6.23 8.43 -12.56
CA ILE D 108 6.11 7.06 -13.03
C ILE D 108 7.15 6.83 -14.12
N TRP D 109 8.05 5.88 -13.90
CA TRP D 109 9.11 5.55 -14.84
C TRP D 109 8.90 4.15 -15.40
N GLY D 110 9.35 3.94 -16.65
CA GLY D 110 9.47 2.60 -17.18
C GLY D 110 10.72 1.92 -16.66
N GLN D 111 10.77 0.60 -16.86
CA GLN D 111 11.93 -0.16 -16.39
C GLN D 111 13.21 0.22 -17.14
N GLY D 112 13.08 0.82 -18.31
CA GLY D 112 14.25 1.23 -19.06
C GLY D 112 14.74 0.14 -20.00
N THR D 113 15.10 0.52 -21.22
CA THR D 113 15.60 -0.42 -22.20
C THR D 113 16.98 0.04 -22.67
N MET D 114 17.85 -0.92 -22.95
CA MET D 114 19.20 -0.66 -23.39
C MET D 114 19.22 -0.52 -24.90
N VAL D 115 19.85 0.55 -25.39
CA VAL D 115 20.02 0.79 -26.82
C VAL D 115 21.50 1.01 -27.09
N THR D 116 22.07 0.20 -27.99
CA THR D 116 23.47 0.27 -28.34
C THR D 116 23.59 0.68 -29.80
N VAL D 117 24.40 1.71 -30.06
CA VAL D 117 24.66 2.18 -31.41
C VAL D 117 26.01 1.63 -31.83
N SER D 118 26.01 0.72 -32.81
CA SER D 118 27.22 0.06 -33.25
C SER D 118 26.96 -0.61 -34.59
N SER D 119 27.99 -0.62 -35.44
CA SER D 119 27.92 -1.35 -36.70
C SER D 119 28.18 -2.84 -36.53
N ALA D 120 28.49 -3.29 -35.32
CA ALA D 120 28.71 -4.71 -35.08
C ALA D 120 27.40 -5.48 -35.18
N SER D 121 27.52 -6.78 -35.40
CA SER D 121 26.37 -7.64 -35.60
C SER D 121 26.04 -8.41 -34.31
N THR D 122 24.77 -8.80 -34.21
CA THR D 122 24.30 -9.54 -33.05
C THR D 122 24.94 -10.93 -33.00
N LYS D 123 25.38 -11.33 -31.80
CA LYS D 123 25.97 -12.64 -31.60
C LYS D 123 25.44 -13.23 -30.30
N GLY D 124 24.98 -14.48 -30.38
CA GLY D 124 24.48 -15.18 -29.22
C GLY D 124 25.61 -15.68 -28.33
N PRO D 125 25.32 -15.84 -27.04
CA PRO D 125 26.35 -16.23 -26.08
C PRO D 125 26.59 -17.73 -26.02
N SER D 126 27.76 -18.08 -25.47
CA SER D 126 28.08 -19.45 -25.10
C SER D 126 28.05 -19.54 -23.57
N VAL D 127 27.37 -20.57 -23.06
CA VAL D 127 27.20 -20.76 -21.63
C VAL D 127 28.06 -21.93 -21.18
N PHE D 128 29.04 -21.66 -20.33
CA PHE D 128 29.92 -22.69 -19.83
C PHE D 128 29.74 -22.86 -18.32
N PRO D 129 29.91 -24.07 -17.80
CA PRO D 129 29.69 -24.29 -16.37
C PRO D 129 30.90 -23.87 -15.54
N LEU D 130 30.60 -23.39 -14.33
CA LEU D 130 31.60 -23.05 -13.33
C LEU D 130 31.47 -24.05 -12.18
N ALA D 131 32.40 -24.99 -12.10
CA ALA D 131 32.38 -26.02 -11.07
C ALA D 131 33.75 -26.15 -10.45
N PRO D 132 33.81 -26.47 -9.15
CA PRO D 132 35.12 -26.66 -8.50
C PRO D 132 35.86 -27.86 -9.08
N CYS D 133 37.17 -27.88 -8.81
CA CYS D 133 38.00 -28.96 -9.32
C CYS D 133 37.74 -30.27 -8.56
N SER D 134 37.69 -30.20 -7.24
CA SER D 134 37.42 -31.37 -6.41
C SER D 134 36.64 -31.01 -5.16
N THR D 141 31.10 -24.87 2.72
CA THR D 141 30.45 -23.95 1.78
C THR D 141 31.04 -24.10 0.38
N ALA D 142 30.18 -24.45 -0.58
CA ALA D 142 30.59 -24.66 -1.96
C ALA D 142 29.93 -23.61 -2.86
N ALA D 143 30.45 -23.49 -4.07
CA ALA D 143 29.96 -22.52 -5.03
C ALA D 143 30.05 -23.07 -6.44
N LEU D 144 29.02 -22.79 -7.25
CA LEU D 144 29.00 -23.14 -8.65
C LEU D 144 28.36 -21.99 -9.41
N GLY D 145 28.41 -22.06 -10.74
CA GLY D 145 27.83 -20.98 -11.51
C GLY D 145 27.88 -21.26 -13.00
N CYS D 146 27.57 -20.21 -13.76
CA CYS D 146 27.57 -20.25 -15.21
C CYS D 146 28.39 -19.09 -15.76
N LEU D 147 29.03 -19.33 -16.90
CA LEU D 147 29.82 -18.32 -17.60
C LEU D 147 29.15 -18.03 -18.94
N VAL D 148 28.56 -16.85 -19.06
CA VAL D 148 27.90 -16.41 -20.29
C VAL D 148 28.92 -15.57 -21.04
N LYS D 149 29.49 -16.13 -22.11
CA LYS D 149 30.66 -15.55 -22.76
C LYS D 149 30.38 -15.23 -24.23
N ASP D 150 30.93 -14.10 -24.68
CA ASP D 150 31.00 -13.72 -26.09
C ASP D 150 29.59 -13.53 -26.68
N TYR D 151 28.92 -12.49 -26.20
CA TYR D 151 27.64 -12.08 -26.76
C TYR D 151 27.66 -10.59 -27.04
N PHE D 152 26.73 -10.17 -27.90
CA PHE D 152 26.58 -8.77 -28.27
C PHE D 152 25.22 -8.58 -28.90
N PRO D 153 24.48 -7.52 -28.54
CA PRO D 153 24.88 -6.56 -27.51
C PRO D 153 24.29 -6.88 -26.13
N GLU D 154 24.29 -5.88 -25.26
CA GLU D 154 23.62 -6.01 -23.98
C GLU D 154 22.10 -5.97 -24.18
N PRO D 155 21.33 -6.57 -23.26
CA PRO D 155 21.78 -7.27 -22.06
C PRO D 155 21.59 -8.79 -22.14
N VAL D 156 21.83 -9.45 -21.00
CA VAL D 156 21.62 -10.88 -20.80
C VAL D 156 20.98 -11.05 -19.44
N THR D 157 19.98 -11.93 -19.36
CA THR D 157 19.30 -12.24 -18.12
C THR D 157 19.70 -13.64 -17.67
N VAL D 158 19.98 -13.80 -16.38
CA VAL D 158 20.34 -15.08 -15.82
C VAL D 158 19.52 -15.31 -14.55
N SER D 159 18.74 -16.41 -14.54
CA SER D 159 18.07 -16.86 -13.34
C SER D 159 18.49 -18.30 -13.05
N TRP D 160 18.22 -18.75 -11.82
CA TRP D 160 18.59 -20.08 -11.38
C TRP D 160 17.34 -20.85 -10.97
N ASN D 161 17.20 -22.05 -11.52
CA ASN D 161 16.04 -22.92 -11.27
C ASN D 161 14.73 -22.21 -11.59
N SER D 162 14.73 -21.47 -12.71
CA SER D 162 13.54 -20.75 -13.18
C SER D 162 13.01 -19.79 -12.13
N GLY D 163 13.93 -19.13 -11.42
CA GLY D 163 13.57 -18.18 -10.40
C GLY D 163 13.31 -18.78 -9.03
N ALA D 164 13.30 -20.11 -8.91
CA ALA D 164 13.06 -20.72 -7.60
C ALA D 164 14.24 -20.53 -6.66
N LEU D 165 15.44 -20.33 -7.20
CA LEU D 165 16.66 -20.18 -6.42
C LEU D 165 17.15 -18.75 -6.56
N THR D 166 17.12 -18.00 -5.46
CA THR D 166 17.58 -16.62 -5.45
C THR D 166 18.57 -16.38 -4.32
N SER D 167 18.39 -17.11 -3.22
CA SER D 167 19.26 -16.93 -2.06
C SER D 167 20.69 -17.36 -2.40
N GLY D 168 21.64 -16.47 -2.16
CA GLY D 168 23.04 -16.76 -2.42
C GLY D 168 23.45 -16.66 -3.86
N VAL D 169 22.65 -16.00 -4.70
CA VAL D 169 22.95 -15.84 -6.12
C VAL D 169 23.61 -14.49 -6.36
N HIS D 170 24.67 -14.48 -7.16
CA HIS D 170 25.35 -13.26 -7.56
C HIS D 170 25.59 -13.30 -9.06
N THR D 171 24.87 -12.45 -9.78
CA THR D 171 25.09 -12.26 -11.21
C THR D 171 25.86 -10.94 -11.40
N PHE D 172 27.08 -11.05 -11.90
CA PHE D 172 27.97 -9.90 -12.00
C PHE D 172 27.66 -9.06 -13.23
N PRO D 173 27.94 -7.76 -13.18
CA PRO D 173 27.83 -6.94 -14.39
C PRO D 173 28.75 -7.46 -15.49
N ALA D 174 28.26 -7.35 -16.72
CA ALA D 174 29.04 -7.80 -17.86
C ALA D 174 30.28 -6.93 -18.05
N VAL D 175 31.34 -7.53 -18.59
CA VAL D 175 32.56 -6.82 -18.94
C VAL D 175 32.70 -6.87 -20.46
N LEU D 176 33.19 -5.76 -21.02
CA LEU D 176 33.40 -5.67 -22.46
C LEU D 176 34.81 -6.17 -22.75
N GLN D 177 34.90 -7.30 -23.43
CA GLN D 177 36.21 -7.86 -23.76
C GLN D 177 36.86 -7.09 -24.90
N SER D 178 38.16 -7.30 -25.07
CA SER D 178 38.89 -6.64 -26.14
C SER D 178 38.38 -7.04 -27.52
N SER D 179 37.62 -8.14 -27.61
CA SER D 179 37.02 -8.57 -28.88
C SER D 179 35.74 -7.82 -29.20
N GLY D 180 35.36 -6.81 -28.41
CA GLY D 180 34.11 -6.12 -28.61
C GLY D 180 32.88 -6.88 -28.16
N LEU D 181 33.04 -8.11 -27.68
CA LEU D 181 31.92 -8.91 -27.20
C LEU D 181 31.86 -8.86 -25.68
N TYR D 182 30.66 -9.01 -25.14
CA TYR D 182 30.45 -8.98 -23.70
C TYR D 182 30.58 -10.38 -23.11
N SER D 183 30.78 -10.42 -21.79
CA SER D 183 30.89 -11.67 -21.06
C SER D 183 30.59 -11.39 -19.59
N LEU D 184 29.84 -12.29 -18.97
CA LEU D 184 29.55 -12.17 -17.55
C LEU D 184 29.48 -13.56 -16.93
N SER D 185 29.47 -13.58 -15.60
CA SER D 185 29.34 -14.82 -14.84
C SER D 185 28.22 -14.66 -13.82
N SER D 186 27.54 -15.77 -13.55
CA SER D 186 26.54 -15.83 -12.49
C SER D 186 26.88 -17.01 -11.61
N VAL D 187 27.00 -16.77 -10.31
CA VAL D 187 27.41 -17.78 -9.35
C VAL D 187 26.33 -17.91 -8.28
N VAL D 188 26.39 -19.02 -7.55
CA VAL D 188 25.48 -19.26 -6.44
C VAL D 188 26.25 -20.05 -5.37
N THR D 189 26.18 -19.57 -4.12
CA THR D 189 26.85 -20.24 -3.01
C THR D 189 25.88 -21.20 -2.34
N VAL D 190 26.34 -22.43 -2.12
CA VAL D 190 25.50 -23.48 -1.55
C VAL D 190 26.17 -24.08 -0.33
N PRO D 191 25.46 -24.22 0.79
CA PRO D 191 26.04 -24.92 1.95
C PRO D 191 26.26 -26.39 1.64
N SER D 192 27.51 -26.81 1.69
CA SER D 192 27.86 -28.22 1.44
C SER D 192 29.21 -28.57 2.05
N GLN D 198 20.12 -32.33 -5.15
CA GLN D 198 19.61 -31.04 -5.58
C GLN D 198 20.26 -30.58 -6.88
N THR D 199 19.45 -30.30 -7.89
CA THR D 199 19.92 -29.92 -9.22
C THR D 199 19.97 -28.40 -9.34
N TYR D 200 21.06 -27.89 -9.91
CA TYR D 200 21.27 -26.47 -10.11
C TYR D 200 21.36 -26.18 -11.60
N THR D 201 20.49 -25.30 -12.09
CA THR D 201 20.40 -24.99 -13.51
C THR D 201 20.24 -23.48 -13.67
N CYS D 202 21.11 -22.88 -14.47
CA CYS D 202 21.01 -21.45 -14.76
C CYS D 202 20.23 -21.23 -16.05
N ASN D 203 19.39 -20.20 -16.05
CA ASN D 203 18.52 -19.90 -17.20
C ASN D 203 19.03 -18.61 -17.83
N VAL D 204 19.73 -18.75 -18.96
CA VAL D 204 20.33 -17.63 -19.66
C VAL D 204 19.43 -17.25 -20.83
N ASP D 205 19.12 -15.97 -20.94
CA ASP D 205 18.26 -15.45 -22.00
C ASP D 205 18.92 -14.22 -22.61
N HIS D 206 19.15 -14.26 -23.92
CA HIS D 206 19.74 -13.16 -24.67
C HIS D 206 18.78 -12.82 -25.80
N LYS D 207 17.85 -11.91 -25.53
CA LYS D 207 16.79 -11.59 -26.49
C LYS D 207 17.30 -11.05 -27.83
N PRO D 208 18.34 -10.19 -27.91
CA PRO D 208 18.77 -9.71 -29.22
C PRO D 208 19.13 -10.81 -30.21
N SER D 209 19.58 -11.96 -29.73
CA SER D 209 19.92 -13.09 -30.59
C SER D 209 18.92 -14.24 -30.47
N ASN D 210 17.84 -14.05 -29.72
CA ASN D 210 16.84 -15.10 -29.49
C ASN D 210 17.48 -16.37 -28.94
N THR D 211 18.45 -16.19 -28.04
CA THR D 211 19.17 -17.29 -27.43
C THR D 211 18.60 -17.57 -26.05
N LYS D 212 18.12 -18.79 -25.86
CA LYS D 212 17.59 -19.25 -24.57
C LYS D 212 18.25 -20.57 -24.23
N VAL D 213 18.95 -20.63 -23.10
CA VAL D 213 19.75 -21.79 -22.72
C VAL D 213 19.45 -22.14 -21.27
N ASP D 214 19.25 -23.43 -21.00
CA ASP D 214 19.13 -23.97 -19.64
C ASP D 214 20.32 -24.87 -19.40
N LYS D 215 21.33 -24.34 -18.70
CA LYS D 215 22.58 -25.06 -18.46
C LYS D 215 22.54 -25.69 -17.07
N THR D 216 22.61 -27.02 -17.03
CA THR D 216 22.62 -27.76 -15.77
C THR D 216 24.08 -27.94 -15.34
N VAL D 217 24.41 -27.44 -14.15
CA VAL D 217 25.77 -27.45 -13.64
C VAL D 217 25.87 -28.49 -12.54
N GLU D 218 26.87 -29.36 -12.63
CA GLU D 218 27.12 -30.37 -11.61
C GLU D 218 28.61 -30.53 -11.35
N LYS E 4 -41.06 26.81 -7.01
CA LYS E 4 -40.74 28.17 -7.40
C LYS E 4 -39.23 28.34 -7.56
N LYS E 5 -38.59 28.96 -6.57
CA LYS E 5 -37.14 29.14 -6.60
C LYS E 5 -36.44 27.97 -5.92
N VAL E 6 -35.12 27.90 -6.14
CA VAL E 6 -34.29 26.81 -5.65
C VAL E 6 -33.26 27.36 -4.69
N CYS E 7 -32.72 26.48 -3.85
CA CYS E 7 -31.69 26.83 -2.88
C CYS E 7 -30.56 25.81 -2.98
N ASN E 8 -29.40 26.19 -2.45
CA ASN E 8 -28.20 25.38 -2.57
C ASN E 8 -28.16 24.31 -1.46
N GLY E 9 -27.20 23.40 -1.60
CA GLY E 9 -26.96 22.39 -0.59
C GLY E 9 -25.88 22.81 0.40
N ILE E 10 -25.59 21.90 1.33
CA ILE E 10 -24.59 22.17 2.37
C ILE E 10 -23.21 22.25 1.71
N GLY E 11 -22.53 23.36 1.92
CA GLY E 11 -21.24 23.61 1.31
C GLY E 11 -21.28 24.52 0.09
N ILE E 12 -22.47 24.89 -0.37
CA ILE E 12 -22.64 25.73 -1.55
C ILE E 12 -23.56 26.89 -1.20
N GLY E 13 -23.25 28.08 -1.70
CA GLY E 13 -24.15 29.21 -1.56
C GLY E 13 -24.23 29.70 -0.13
N GLU E 14 -25.45 29.86 0.38
CA GLU E 14 -25.66 30.36 1.73
C GLU E 14 -25.09 29.45 2.80
N PHE E 15 -24.84 28.17 2.47
CA PHE E 15 -24.30 27.21 3.42
C PHE E 15 -22.82 26.91 3.12
N LYS E 16 -22.13 27.88 2.54
CA LYS E 16 -20.71 27.71 2.24
C LYS E 16 -19.90 27.64 3.54
N ASP E 17 -18.86 26.81 3.53
CA ASP E 17 -17.98 26.62 4.68
C ASP E 17 -18.75 26.12 5.90
N SER E 18 -19.85 25.39 5.66
CA SER E 18 -20.65 24.77 6.71
C SER E 18 -20.69 23.27 6.47
N LEU E 19 -20.70 22.50 7.55
CA LEU E 19 -20.62 21.04 7.46
C LEU E 19 -21.97 20.34 7.53
N SER E 20 -22.98 20.99 8.10
CA SER E 20 -24.27 20.33 8.32
C SER E 20 -25.36 21.38 8.38
N ILE E 21 -26.59 20.92 8.52
CA ILE E 21 -27.75 21.79 8.75
C ILE E 21 -27.92 21.94 10.26
N ASP E 22 -27.56 23.11 10.78
CA ASP E 22 -27.65 23.38 12.19
C ASP E 22 -28.87 24.26 12.48
N ALA E 23 -28.99 24.73 13.72
CA ALA E 23 -30.10 25.59 14.12
C ALA E 23 -29.94 27.03 13.65
N THR E 24 -28.88 27.34 12.90
CA THR E 24 -28.64 28.70 12.41
C THR E 24 -28.91 28.86 10.93
N ASN E 25 -28.64 27.83 10.11
CA ASN E 25 -28.83 27.93 8.67
C ASN E 25 -30.14 27.30 8.19
N ILE E 26 -30.96 26.79 9.11
CA ILE E 26 -32.25 26.24 8.70
C ILE E 26 -33.20 27.33 8.22
N LYS E 27 -32.98 28.58 8.63
CA LYS E 27 -33.82 29.69 8.19
C LYS E 27 -33.71 29.94 6.69
N HIS E 28 -32.62 29.49 6.06
CA HIS E 28 -32.43 29.67 4.63
C HIS E 28 -33.20 28.65 3.79
N PHE E 29 -33.92 27.73 4.43
CA PHE E 29 -34.75 26.75 3.73
C PHE E 29 -36.21 27.15 3.70
N LYS E 30 -36.57 28.31 4.23
CA LYS E 30 -37.95 28.76 4.21
C LYS E 30 -38.41 29.03 2.79
N ASN E 31 -39.60 28.55 2.46
CA ASN E 31 -40.18 28.70 1.13
C ASN E 31 -39.28 28.15 0.04
N CYS E 32 -38.53 27.08 0.34
CA CYS E 32 -37.64 26.46 -0.62
C CYS E 32 -38.24 25.17 -1.14
N THR E 33 -38.19 24.98 -2.47
CA THR E 33 -38.80 23.82 -3.11
C THR E 33 -37.79 22.87 -3.74
N SER E 34 -36.55 23.31 -3.98
CA SER E 34 -35.55 22.46 -4.61
C SER E 34 -34.18 22.75 -4.00
N ILE E 35 -33.40 21.70 -3.78
CA ILE E 35 -32.06 21.81 -3.21
C ILE E 35 -31.04 21.53 -4.30
N SER E 36 -30.14 22.47 -4.52
CA SER E 36 -29.10 22.35 -5.55
C SER E 36 -27.81 21.87 -4.88
N GLY E 37 -27.77 20.58 -4.58
CA GLY E 37 -26.62 19.95 -3.97
C GLY E 37 -27.05 18.95 -2.91
N ASP E 38 -26.14 18.68 -1.99
CA ASP E 38 -26.37 17.73 -0.91
C ASP E 38 -26.60 18.46 0.39
N LEU E 39 -27.54 17.96 1.20
CA LEU E 39 -27.70 18.45 2.55
C LEU E 39 -27.19 17.41 3.54
N HIS E 40 -26.65 17.89 4.66
CA HIS E 40 -26.09 17.04 5.69
C HIS E 40 -26.82 17.29 7.01
N ILE E 41 -27.29 16.22 7.63
CA ILE E 41 -27.93 16.29 8.94
C ILE E 41 -27.08 15.45 9.88
N LEU E 42 -26.11 16.10 10.52
CA LEU E 42 -25.13 15.47 11.38
C LEU E 42 -25.55 15.59 12.84
N PRO E 43 -24.91 14.83 13.74
CA PRO E 43 -25.29 14.92 15.17
C PRO E 43 -25.14 16.29 15.79
N VAL E 44 -24.54 17.26 15.09
CA VAL E 44 -24.46 18.60 15.63
C VAL E 44 -25.83 19.23 15.71
N ALA E 45 -26.75 18.82 14.84
CA ALA E 45 -28.04 19.50 14.71
C ALA E 45 -28.89 19.37 15.96
N PHE E 46 -28.72 18.31 16.74
CA PHE E 46 -29.58 18.05 17.87
C PHE E 46 -28.84 17.93 19.21
N ARG E 47 -27.53 17.68 19.19
CA ARG E 47 -26.74 17.79 20.41
C ARG E 47 -26.18 19.20 20.61
N GLY E 48 -26.25 20.05 19.59
CA GLY E 48 -25.73 21.40 19.69
C GLY E 48 -24.27 21.48 19.30
N ASP E 49 -23.74 22.70 19.42
CA ASP E 49 -22.33 22.96 19.13
C ASP E 49 -21.78 23.84 20.24
N SER E 50 -20.85 23.30 21.02
CA SER E 50 -20.28 24.06 22.12
C SER E 50 -19.35 25.17 21.61
N PHE E 51 -18.73 24.97 20.45
CA PHE E 51 -17.79 25.95 19.93
C PHE E 51 -18.51 27.24 19.50
N THR E 52 -19.43 27.13 18.55
CA THR E 52 -20.14 28.28 18.02
C THR E 52 -21.43 28.58 18.76
N HIS E 53 -21.66 27.94 19.91
CA HIS E 53 -22.81 28.22 20.78
C HIS E 53 -24.14 28.01 20.06
N THR E 54 -24.19 27.08 19.12
CA THR E 54 -25.43 26.80 18.42
C THR E 54 -26.31 25.88 19.26
N PRO E 55 -27.49 26.31 19.70
CA PRO E 55 -28.37 25.43 20.46
C PRO E 55 -28.92 24.33 19.60
N PRO E 56 -29.43 23.25 20.19
CA PRO E 56 -30.00 22.17 19.39
C PRO E 56 -31.17 22.64 18.55
N LEU E 57 -31.23 22.16 17.31
CA LEU E 57 -32.36 22.46 16.44
C LEU E 57 -33.63 21.85 17.01
N ASP E 58 -34.69 22.66 17.08
CA ASP E 58 -35.92 22.20 17.68
C ASP E 58 -36.58 21.13 16.80
N PRO E 59 -37.08 20.04 17.40
CA PRO E 59 -37.71 18.98 16.58
C PRO E 59 -38.94 19.45 15.84
N GLN E 60 -39.64 20.47 16.33
CA GLN E 60 -40.79 21.02 15.62
C GLN E 60 -40.37 21.94 14.47
N GLU E 61 -39.10 22.36 14.43
CA GLU E 61 -38.61 23.23 13.38
C GLU E 61 -38.21 22.48 12.12
N LEU E 62 -38.12 21.15 12.17
CA LEU E 62 -37.79 20.37 10.99
C LEU E 62 -38.87 20.45 9.91
N ASP E 63 -40.07 20.91 10.27
CA ASP E 63 -41.15 21.06 9.29
C ASP E 63 -40.85 22.13 8.24
N ILE E 64 -39.74 22.85 8.37
CA ILE E 64 -39.35 23.82 7.35
C ILE E 64 -39.05 23.10 6.03
N LEU E 65 -38.43 21.92 6.10
CA LEU E 65 -38.06 21.17 4.92
C LEU E 65 -39.24 20.47 4.25
N LYS E 66 -40.46 20.68 4.73
CA LYS E 66 -41.62 20.04 4.11
C LYS E 66 -41.92 20.60 2.72
N THR E 67 -41.38 21.76 2.38
CA THR E 67 -41.58 22.34 1.07
C THR E 67 -40.58 21.84 0.02
N VAL E 68 -39.54 21.12 0.45
CA VAL E 68 -38.52 20.61 -0.45
C VAL E 68 -39.01 19.29 -1.06
N LYS E 69 -38.96 19.21 -2.38
CA LYS E 69 -39.35 17.99 -3.09
C LYS E 69 -38.32 17.52 -4.10
N GLU E 70 -37.19 18.22 -4.25
CA GLU E 70 -36.17 17.86 -5.21
C GLU E 70 -34.79 18.12 -4.62
N ILE E 71 -33.92 17.12 -4.69
CA ILE E 71 -32.54 17.22 -4.22
C ILE E 71 -31.63 16.73 -5.34
N THR E 72 -30.78 17.63 -5.84
CA THR E 72 -29.86 17.26 -6.91
C THR E 72 -28.71 16.40 -6.42
N GLY E 73 -28.25 16.63 -5.19
CA GLY E 73 -27.16 15.85 -4.63
C GLY E 73 -27.62 14.65 -3.84
N PHE E 74 -27.02 14.41 -2.68
CA PHE E 74 -27.36 13.28 -1.84
C PHE E 74 -27.91 13.74 -0.50
N LEU E 75 -28.79 12.91 0.07
CA LEU E 75 -29.44 13.17 1.35
C LEU E 75 -28.79 12.27 2.40
N LEU E 76 -28.05 12.88 3.32
CA LEU E 76 -27.28 12.16 4.34
C LEU E 76 -27.82 12.53 5.72
N ILE E 77 -28.45 11.58 6.39
CA ILE E 77 -29.02 11.78 7.72
C ILE E 77 -28.29 10.87 8.69
N GLN E 78 -27.63 11.47 9.69
CA GLN E 78 -26.96 10.72 10.74
C GLN E 78 -27.45 11.13 12.12
N ALA E 79 -28.55 11.88 12.20
CA ALA E 79 -29.12 12.32 13.47
C ALA E 79 -30.57 12.74 13.25
N TRP E 80 -31.43 12.42 14.21
CA TRP E 80 -32.84 12.77 14.13
C TRP E 80 -33.38 12.88 15.54
N PRO E 81 -34.35 13.78 15.78
CA PRO E 81 -34.87 13.94 17.14
C PRO E 81 -35.50 12.66 17.66
N GLU E 82 -35.23 12.36 18.93
CA GLU E 82 -35.82 11.20 19.57
C GLU E 82 -37.34 11.33 19.71
N ASN E 83 -37.87 12.54 19.61
CA ASN E 83 -39.32 12.72 19.66
C ASN E 83 -39.98 12.29 18.34
N ARG E 84 -39.45 12.78 17.22
CA ARG E 84 -40.02 12.44 15.92
C ARG E 84 -39.72 11.00 15.56
N THR E 85 -40.77 10.23 15.31
CA THR E 85 -40.65 8.80 15.02
C THR E 85 -40.53 8.50 13.53
N ASP E 86 -40.51 9.52 12.67
CA ASP E 86 -40.35 9.30 11.24
C ASP E 86 -39.65 10.51 10.63
N LEU E 87 -39.45 10.45 9.33
CA LEU E 87 -38.84 11.55 8.57
C LEU E 87 -39.90 12.37 7.86
N HIS E 88 -40.95 12.77 8.59
CA HIS E 88 -42.01 13.57 8.00
C HIS E 88 -41.56 14.99 7.67
N ALA E 89 -40.34 15.38 8.06
CA ALA E 89 -39.79 16.63 7.58
C ALA E 89 -39.59 16.60 6.06
N PHE E 90 -39.29 15.42 5.51
CA PHE E 90 -39.22 15.19 4.07
C PHE E 90 -40.46 14.45 3.57
N GLU E 91 -41.62 14.77 4.13
CA GLU E 91 -42.85 14.05 3.75
C GLU E 91 -43.22 14.30 2.30
N ASN E 92 -42.91 15.48 1.78
CA ASN E 92 -43.26 15.84 0.41
C ASN E 92 -42.06 15.76 -0.53
N LEU E 93 -40.94 15.21 -0.08
CA LEU E 93 -39.79 15.00 -0.96
C LEU E 93 -40.13 13.94 -1.99
N GLU E 94 -39.86 14.23 -3.26
CA GLU E 94 -40.27 13.37 -4.36
C GLU E 94 -39.14 12.78 -5.17
N ILE E 95 -37.99 13.45 -5.27
CA ILE E 95 -36.92 12.97 -6.14
C ILE E 95 -35.58 13.35 -5.53
N ILE E 96 -34.65 12.40 -5.54
CA ILE E 96 -33.25 12.63 -5.18
C ILE E 96 -32.42 12.21 -6.39
N ARG E 97 -31.87 13.19 -7.11
CA ARG E 97 -31.16 12.88 -8.34
C ARG E 97 -29.85 12.15 -8.08
N GLY E 98 -29.13 12.53 -7.03
CA GLY E 98 -27.87 11.90 -6.73
C GLY E 98 -26.78 12.16 -7.75
N ARG E 99 -26.74 13.36 -8.31
CA ARG E 99 -25.66 13.71 -9.22
C ARG E 99 -24.32 13.68 -8.49
N THR E 100 -24.27 14.21 -7.28
CA THR E 100 -23.14 14.06 -6.38
C THR E 100 -23.51 13.07 -5.29
N LYS E 101 -22.56 12.21 -4.92
CA LYS E 101 -22.82 11.11 -4.01
C LYS E 101 -21.81 11.10 -2.87
N GLN E 102 -22.28 10.69 -1.69
CA GLN E 102 -21.39 10.57 -0.54
C GLN E 102 -20.34 9.51 -0.82
N HIS E 103 -19.06 9.91 -0.78
CA HIS E 103 -17.93 9.09 -1.20
C HIS E 103 -18.08 8.60 -2.64
N GLY E 104 -18.88 9.30 -3.44
CA GLY E 104 -19.14 8.88 -4.80
C GLY E 104 -19.85 7.55 -4.90
N GLN E 105 -20.77 7.28 -3.97
CA GLN E 105 -21.42 5.98 -3.93
C GLN E 105 -22.88 6.06 -3.50
N PHE E 106 -23.17 6.82 -2.44
CA PHE E 106 -24.49 6.84 -1.83
C PHE E 106 -25.21 8.15 -2.11
N SER E 107 -26.49 8.04 -2.46
CA SER E 107 -27.36 9.20 -2.62
C SER E 107 -28.36 9.35 -1.50
N LEU E 108 -28.57 8.31 -0.70
CA LEU E 108 -29.48 8.36 0.44
C LEU E 108 -28.90 7.51 1.55
N ALA E 109 -28.70 8.10 2.72
CA ALA E 109 -28.08 7.40 3.85
C ALA E 109 -28.82 7.77 5.13
N VAL E 110 -29.37 6.76 5.81
CA VAL E 110 -30.06 6.93 7.08
C VAL E 110 -29.33 6.06 8.09
N VAL E 111 -28.53 6.70 8.95
CA VAL E 111 -27.58 5.99 9.81
C VAL E 111 -27.93 6.26 11.27
N SER E 112 -28.29 5.20 11.99
CA SER E 112 -28.38 5.19 13.46
C SER E 112 -29.40 6.23 13.96
N LEU E 113 -30.67 5.93 13.68
CA LEU E 113 -31.79 6.74 14.15
C LEU E 113 -32.74 5.87 14.95
N ASP E 114 -33.56 6.54 15.77
CA ASP E 114 -34.58 5.88 16.57
C ASP E 114 -35.95 5.92 15.91
N ILE E 115 -36.02 6.34 14.65
CA ILE E 115 -37.31 6.45 13.97
C ILE E 115 -37.95 5.08 13.82
N THR E 116 -39.28 5.05 13.85
CA THR E 116 -40.03 3.83 13.65
C THR E 116 -40.44 3.62 12.20
N SER E 117 -40.36 4.65 11.37
CA SER E 117 -40.70 4.54 9.96
C SER E 117 -39.92 5.60 9.18
N LEU E 118 -39.83 5.40 7.87
CA LEU E 118 -39.18 6.38 7.02
C LEU E 118 -40.12 7.53 6.66
N GLY E 119 -41.38 7.21 6.37
CA GLY E 119 -42.37 8.25 6.12
C GLY E 119 -42.11 9.09 4.89
N LEU E 120 -41.42 8.54 3.89
CA LEU E 120 -41.17 9.26 2.64
C LEU E 120 -42.29 8.96 1.65
N ARG E 121 -43.48 9.47 1.99
CA ARG E 121 -44.69 9.11 1.26
C ARG E 121 -44.65 9.61 -0.19
N SER E 122 -43.91 10.68 -0.45
CA SER E 122 -43.90 11.29 -1.77
C SER E 122 -42.70 10.92 -2.62
N LEU E 123 -41.71 10.23 -2.05
CA LEU E 123 -40.51 9.86 -2.81
C LEU E 123 -40.87 8.87 -3.91
N LYS E 124 -40.61 9.26 -5.15
CA LYS E 124 -40.96 8.45 -6.31
C LYS E 124 -39.79 8.14 -7.23
N GLU E 125 -38.60 8.71 -6.99
CA GLU E 125 -37.48 8.47 -7.88
C GLU E 125 -36.17 8.79 -7.16
N ILE E 126 -35.20 7.90 -7.30
CA ILE E 126 -33.82 8.12 -6.89
C ILE E 126 -32.97 7.84 -8.12
N SER E 127 -32.52 8.90 -8.80
CA SER E 127 -31.97 8.76 -10.14
C SER E 127 -30.70 7.92 -10.15
N ASP E 128 -29.77 8.21 -9.25
CA ASP E 128 -28.50 7.50 -9.23
C ASP E 128 -27.95 7.47 -7.81
N GLY E 129 -27.23 6.41 -7.50
CA GLY E 129 -26.60 6.27 -6.21
C GLY E 129 -27.22 5.13 -5.40
N ASP E 130 -26.42 4.57 -4.50
CA ASP E 130 -26.89 3.49 -3.64
C ASP E 130 -27.62 4.05 -2.42
N VAL E 131 -28.46 3.21 -1.83
CA VAL E 131 -29.24 3.57 -0.65
C VAL E 131 -28.80 2.66 0.50
N ILE E 132 -28.28 3.26 1.56
CA ILE E 132 -27.82 2.52 2.73
C ILE E 132 -28.61 3.01 3.94
N ILE E 133 -29.12 2.07 4.73
CA ILE E 133 -29.93 2.37 5.91
C ILE E 133 -29.42 1.44 7.01
N SER E 134 -28.63 1.98 7.93
CA SER E 134 -27.89 1.18 8.89
C SER E 134 -28.10 1.69 10.31
N GLY E 135 -28.17 0.77 11.26
CA GLY E 135 -28.13 1.12 12.67
C GLY E 135 -29.41 1.65 13.25
N ASN E 136 -30.54 1.45 12.60
CA ASN E 136 -31.83 1.97 13.07
C ASN E 136 -32.57 0.85 13.81
N LYS E 137 -32.50 0.89 15.14
CA LYS E 137 -33.05 -0.20 15.94
C LYS E 137 -34.57 -0.22 15.96
N ASN E 138 -35.23 0.91 15.69
CA ASN E 138 -36.67 0.99 15.74
C ASN E 138 -37.33 1.05 14.36
N LEU E 139 -36.54 1.12 13.29
CA LEU E 139 -37.08 1.36 11.96
C LEU E 139 -37.81 0.14 11.43
N CYS E 140 -38.96 0.37 10.80
CA CYS E 140 -39.74 -0.67 10.15
C CYS E 140 -40.05 -0.22 8.72
N TYR E 141 -40.82 -1.05 8.01
CA TYR E 141 -41.31 -0.80 6.66
C TYR E 141 -40.17 -0.63 5.65
N ALA E 142 -38.93 -0.91 6.03
CA ALA E 142 -37.81 -0.70 5.12
C ALA E 142 -37.69 -1.82 4.10
N ASN E 143 -37.68 -3.07 4.56
CA ASN E 143 -37.53 -4.20 3.65
C ASN E 143 -38.76 -4.41 2.77
N THR E 144 -39.86 -3.70 3.02
CA THR E 144 -41.03 -3.82 2.15
C THR E 144 -40.87 -2.99 0.88
N ILE E 145 -40.15 -1.87 0.96
CA ILE E 145 -40.04 -0.97 -0.19
C ILE E 145 -39.37 -1.68 -1.36
N ASN E 146 -40.00 -1.58 -2.53
CA ASN E 146 -39.41 -2.05 -3.77
C ASN E 146 -38.58 -0.91 -4.35
N TRP E 147 -37.28 -0.90 -4.07
CA TRP E 147 -36.42 0.21 -4.46
C TRP E 147 -36.15 0.26 -5.96
N LYS E 148 -36.47 -0.80 -6.71
CA LYS E 148 -36.29 -0.76 -8.15
C LYS E 148 -37.17 0.29 -8.80
N LYS E 149 -38.32 0.58 -8.19
CA LYS E 149 -39.22 1.60 -8.74
C LYS E 149 -38.62 2.99 -8.66
N LEU E 150 -37.75 3.23 -7.68
CA LEU E 150 -37.15 4.55 -7.49
C LEU E 150 -35.84 4.71 -8.24
N PHE E 151 -35.06 3.64 -8.40
CA PHE E 151 -33.77 3.74 -9.06
C PHE E 151 -33.94 4.15 -10.52
N GLY E 152 -32.95 4.89 -11.03
CA GLY E 152 -32.97 5.33 -12.40
C GLY E 152 -31.79 4.84 -13.19
N THR E 153 -30.80 4.29 -12.49
CA THR E 153 -29.59 3.75 -13.11
C THR E 153 -29.43 2.30 -12.68
N SER E 154 -29.12 1.43 -13.65
CA SER E 154 -28.86 0.04 -13.32
C SER E 154 -27.61 -0.08 -12.46
N GLY E 155 -27.67 -0.95 -11.46
CA GLY E 155 -26.57 -1.12 -10.53
C GLY E 155 -26.75 -0.44 -9.18
N GLN E 156 -27.83 0.33 -9.00
CA GLN E 156 -28.08 0.95 -7.72
C GLN E 156 -28.48 -0.12 -6.70
N LYS E 157 -27.74 -0.19 -5.60
CA LYS E 157 -27.94 -1.21 -4.58
C LYS E 157 -28.66 -0.62 -3.38
N THR E 158 -29.26 -1.51 -2.59
CA THR E 158 -29.95 -1.15 -1.36
C THR E 158 -29.34 -1.95 -0.21
N LYS E 159 -28.83 -1.25 0.80
CA LYS E 159 -28.24 -1.87 1.97
C LYS E 159 -29.10 -1.54 3.19
N ILE E 160 -30.05 -2.42 3.49
CA ILE E 160 -30.85 -2.33 4.70
C ILE E 160 -30.19 -3.29 5.69
N ILE E 161 -29.29 -2.74 6.51
CA ILE E 161 -28.43 -3.54 7.36
C ILE E 161 -28.48 -3.02 8.79
N ARG E 162 -28.24 -3.93 9.74
CA ARG E 162 -28.15 -3.59 11.17
C ARG E 162 -29.39 -2.86 11.65
N ASN E 163 -30.56 -3.28 11.18
CA ASN E 163 -31.80 -2.62 11.52
C ASN E 163 -32.69 -3.56 12.35
N ARG E 164 -33.94 -3.14 12.54
CA ARG E 164 -34.88 -3.91 13.34
C ARG E 164 -35.27 -5.19 12.60
N GLY E 165 -35.50 -6.25 13.39
CA GLY E 165 -35.82 -7.53 12.81
C GLY E 165 -37.17 -7.54 12.12
N GLU E 166 -37.35 -8.53 11.24
CA GLU E 166 -38.59 -8.68 10.50
C GLU E 166 -39.75 -9.01 11.44
N ASN E 167 -39.53 -9.97 12.34
CA ASN E 167 -40.59 -10.37 13.27
C ASN E 167 -40.84 -9.30 14.33
N SER E 168 -39.83 -8.50 14.66
CA SER E 168 -40.00 -7.45 15.66
C SER E 168 -41.03 -6.42 15.19
N CYS E 169 -40.95 -6.02 13.91
CA CYS E 169 -41.96 -5.13 13.36
C CYS E 169 -43.31 -5.83 13.23
N LYS E 170 -43.29 -7.11 12.85
CA LYS E 170 -44.52 -7.89 12.74
C LYS E 170 -45.15 -8.15 14.10
N ALA E 171 -44.37 -8.10 15.18
CA ALA E 171 -44.92 -8.34 16.50
C ALA E 171 -45.72 -7.14 17.00
N THR E 172 -45.29 -5.93 16.65
CA THR E 172 -45.99 -4.72 17.02
C THR E 172 -47.00 -4.27 15.97
N GLY E 173 -47.30 -5.12 15.00
CA GLY E 173 -48.25 -4.76 13.96
C GLY E 173 -47.82 -3.60 13.09
N GLN E 174 -46.53 -3.31 13.04
CA GLN E 174 -46.01 -2.21 12.24
C GLN E 174 -45.57 -2.74 10.87
N VAL E 175 -46.57 -3.05 10.05
CA VAL E 175 -46.38 -3.53 8.69
C VAL E 175 -47.20 -2.65 7.75
N CYS E 176 -47.17 -2.99 6.47
CA CYS E 176 -47.93 -2.24 5.48
C CYS E 176 -49.42 -2.56 5.60
N HIS E 177 -50.24 -1.59 5.20
CA HIS E 177 -51.68 -1.75 5.26
C HIS E 177 -52.14 -2.87 4.34
N ALA E 178 -53.31 -3.44 4.64
CA ALA E 178 -53.84 -4.51 3.80
C ALA E 178 -54.14 -4.04 2.39
N LEU E 179 -54.50 -2.76 2.23
CA LEU E 179 -54.75 -2.20 0.91
C LEU E 179 -53.48 -1.93 0.12
N CYS E 180 -52.31 -2.13 0.72
CA CYS E 180 -51.06 -1.77 0.08
C CYS E 180 -50.70 -2.74 -1.04
N SER E 181 -49.96 -2.23 -2.02
CA SER E 181 -49.42 -3.03 -3.09
C SER E 181 -48.17 -3.77 -2.62
N PRO E 182 -47.83 -4.91 -3.25
CA PRO E 182 -46.66 -5.67 -2.82
C PRO E 182 -45.33 -4.92 -2.92
N GLU E 183 -45.37 -3.69 -3.42
CA GLU E 183 -44.15 -2.90 -3.58
C GLU E 183 -43.67 -2.26 -2.29
N GLY E 184 -44.47 -2.27 -1.23
CA GLY E 184 -44.06 -1.79 0.07
C GLY E 184 -44.72 -0.47 0.43
N CYS E 185 -44.31 0.06 1.58
CA CYS E 185 -44.91 1.25 2.15
C CYS E 185 -43.88 1.98 3.00
N TRP E 186 -44.18 3.24 3.31
CA TRP E 186 -43.35 4.05 4.18
C TRP E 186 -43.89 4.16 5.59
N GLY E 187 -44.95 3.41 5.91
CA GLY E 187 -45.56 3.47 7.21
C GLY E 187 -46.81 2.61 7.29
N PRO E 188 -47.52 2.68 8.42
CA PRO E 188 -48.69 1.80 8.61
C PRO E 188 -49.95 2.32 7.95
N GLU E 189 -50.04 3.64 7.77
CA GLU E 189 -51.26 4.24 7.26
C GLU E 189 -51.52 3.83 5.81
N PRO E 190 -52.79 3.86 5.38
CA PRO E 190 -53.09 3.54 3.97
C PRO E 190 -52.49 4.53 2.99
N ARG E 191 -52.19 5.76 3.42
CA ARG E 191 -51.58 6.74 2.54
C ARG E 191 -50.09 6.50 2.35
N ASP E 192 -49.47 5.70 3.22
CA ASP E 192 -48.03 5.46 3.16
C ASP E 192 -47.63 4.47 2.08
N CYS E 193 -48.58 3.99 1.28
CA CYS E 193 -48.26 3.01 0.25
C CYS E 193 -47.58 3.68 -0.93
N VAL E 194 -46.70 2.92 -1.60
CA VAL E 194 -46.06 3.44 -2.80
C VAL E 194 -46.94 3.26 -4.02
N SER E 195 -47.87 2.29 -3.99
CA SER E 195 -48.81 2.08 -5.07
C SER E 195 -49.99 1.29 -4.51
N HIS E 196 -51.07 1.25 -5.29
CA HIS E 196 -52.27 0.54 -4.87
C HIS E 196 -53.14 0.30 -6.09
N HIS E 197 -54.17 -0.52 -5.89
CA HIS E 197 -55.11 -0.84 -6.97
C HIS E 197 -56.54 -0.51 -6.55
N LYS F 4 -23.97 44.20 -20.41
CA LYS F 4 -23.59 43.42 -19.24
C LYS F 4 -24.46 42.16 -19.13
N LYS F 5 -23.95 41.05 -19.66
CA LYS F 5 -24.67 39.78 -19.68
C LYS F 5 -23.89 38.74 -18.89
N VAL F 6 -24.62 37.85 -18.22
CA VAL F 6 -24.05 36.78 -17.41
C VAL F 6 -24.40 35.45 -18.05
N CYS F 7 -23.39 34.62 -18.32
CA CYS F 7 -23.58 33.31 -18.91
C CYS F 7 -22.85 32.28 -18.07
N ASN F 8 -23.29 31.03 -18.18
CA ASN F 8 -22.72 29.95 -17.39
C ASN F 8 -21.40 29.48 -17.99
N GLY F 9 -20.67 28.69 -17.21
CA GLY F 9 -19.41 28.13 -17.64
C GLY F 9 -19.58 26.76 -18.28
N ILE F 10 -18.44 26.13 -18.58
CA ILE F 10 -18.44 24.82 -19.19
C ILE F 10 -18.97 23.80 -18.18
N GLY F 11 -20.01 23.07 -18.58
CA GLY F 11 -20.64 22.08 -17.73
C GLY F 11 -21.92 22.54 -17.06
N ILE F 12 -22.24 23.82 -17.14
CA ILE F 12 -23.41 24.39 -16.49
C ILE F 12 -24.30 25.03 -17.55
N GLY F 13 -25.62 24.86 -17.40
CA GLY F 13 -26.58 25.49 -18.28
C GLY F 13 -26.52 25.01 -19.72
N GLU F 14 -26.27 25.92 -20.65
CA GLU F 14 -26.21 25.59 -22.07
C GLU F 14 -25.00 24.74 -22.42
N PHE F 15 -24.07 24.52 -21.50
CA PHE F 15 -22.83 23.80 -21.78
C PHE F 15 -22.71 22.50 -21.00
N LYS F 16 -23.82 21.97 -20.49
CA LYS F 16 -23.77 20.67 -19.83
C LYS F 16 -23.48 19.58 -20.85
N ASP F 17 -22.76 18.55 -20.40
CA ASP F 17 -22.28 17.46 -21.26
C ASP F 17 -21.31 17.98 -22.32
N SER F 18 -20.61 19.07 -22.01
CA SER F 18 -19.56 19.60 -22.86
C SER F 18 -18.27 19.69 -22.05
N LEU F 19 -17.16 19.32 -22.69
CA LEU F 19 -15.86 19.32 -22.02
C LEU F 19 -15.00 20.54 -22.35
N SER F 20 -15.34 21.27 -23.42
CA SER F 20 -14.55 22.42 -23.84
C SER F 20 -15.44 23.36 -24.62
N ILE F 21 -14.82 24.43 -25.15
CA ILE F 21 -15.50 25.42 -25.98
C ILE F 21 -15.16 25.08 -27.43
N ASP F 22 -16.12 24.49 -28.14
CA ASP F 22 -15.93 24.11 -29.53
C ASP F 22 -16.65 25.09 -30.45
N ALA F 23 -16.67 24.77 -31.74
CA ALA F 23 -17.27 25.63 -32.75
C ALA F 23 -18.80 25.66 -32.69
N THR F 24 -19.41 24.92 -31.78
CA THR F 24 -20.87 24.78 -31.73
C THR F 24 -21.49 25.31 -30.45
N ASN F 25 -20.74 25.41 -29.36
CA ASN F 25 -21.23 26.07 -28.16
C ASN F 25 -20.66 27.46 -28.00
N ILE F 26 -19.77 27.89 -28.90
CA ILE F 26 -19.16 29.21 -28.78
C ILE F 26 -20.18 30.30 -29.08
N LYS F 27 -21.23 29.98 -29.85
CA LYS F 27 -22.25 30.97 -30.15
C LYS F 27 -23.02 31.40 -28.92
N HIS F 28 -23.06 30.57 -27.88
CA HIS F 28 -23.73 30.93 -26.63
C HIS F 28 -22.93 31.92 -25.79
N PHE F 29 -21.69 32.21 -26.17
CA PHE F 29 -20.88 33.22 -25.50
C PHE F 29 -21.01 34.59 -26.15
N LYS F 30 -21.87 34.73 -27.16
CA LYS F 30 -22.02 36.00 -27.86
C LYS F 30 -22.58 37.07 -26.93
N ASN F 31 -21.97 38.25 -26.98
CA ASN F 31 -22.38 39.40 -26.16
C ASN F 31 -22.36 39.08 -24.67
N CYS F 32 -21.45 38.22 -24.24
CA CYS F 32 -21.35 37.86 -22.83
C CYS F 32 -20.21 38.60 -22.16
N THR F 33 -20.47 39.11 -20.96
CA THR F 33 -19.49 39.88 -20.21
C THR F 33 -19.05 39.23 -18.90
N SER F 34 -19.82 38.27 -18.38
CA SER F 34 -19.49 37.61 -17.12
C SER F 34 -19.74 36.11 -17.27
N ILE F 35 -18.80 35.30 -16.82
CA ILE F 35 -18.89 33.85 -16.91
C ILE F 35 -19.21 33.30 -15.53
N SER F 36 -20.32 32.58 -15.43
CA SER F 36 -20.74 31.98 -14.16
C SER F 36 -20.37 30.49 -14.16
N GLY F 37 -19.08 30.24 -14.04
CA GLY F 37 -18.57 28.89 -14.04
C GLY F 37 -17.12 28.87 -14.49
N ASP F 38 -16.72 27.74 -15.05
CA ASP F 38 -15.35 27.50 -15.46
C ASP F 38 -15.24 27.54 -16.99
N LEU F 39 -14.06 27.87 -17.47
CA LEU F 39 -13.75 27.90 -18.89
C LEU F 39 -12.72 26.83 -19.21
N HIS F 40 -13.02 26.02 -20.23
CA HIS F 40 -12.13 24.94 -20.66
C HIS F 40 -11.89 25.09 -22.16
N ILE F 41 -10.64 25.30 -22.54
CA ILE F 41 -10.23 25.38 -23.94
C ILE F 41 -9.27 24.23 -24.17
N LEU F 42 -9.78 23.11 -24.65
CA LEU F 42 -9.04 21.87 -24.81
C LEU F 42 -8.71 21.61 -26.27
N PRO F 43 -7.77 20.69 -26.55
CA PRO F 43 -7.43 20.41 -27.96
C PRO F 43 -8.60 19.88 -28.79
N VAL F 44 -9.66 19.36 -28.15
CA VAL F 44 -10.83 18.93 -28.89
C VAL F 44 -11.48 20.11 -29.61
N ALA F 45 -11.26 21.34 -29.13
CA ALA F 45 -11.87 22.51 -29.72
C ALA F 45 -11.35 22.75 -31.14
N PHE F 46 -10.03 22.81 -31.29
CA PHE F 46 -9.43 23.15 -32.58
C PHE F 46 -9.21 21.93 -33.48
N ARG F 47 -9.10 20.74 -32.89
CA ARG F 47 -9.04 19.51 -33.68
C ARG F 47 -10.40 19.09 -34.20
N GLY F 48 -11.48 19.59 -33.59
CA GLY F 48 -12.81 19.13 -33.91
C GLY F 48 -13.06 17.74 -33.36
N ASP F 49 -14.27 17.24 -33.62
CA ASP F 49 -14.65 15.89 -33.18
C ASP F 49 -15.69 15.37 -34.17
N SER F 50 -15.22 14.66 -35.20
CA SER F 50 -16.11 14.14 -36.23
C SER F 50 -17.04 13.07 -35.69
N PHE F 51 -16.67 12.41 -34.58
CA PHE F 51 -17.54 11.38 -34.01
C PHE F 51 -18.84 11.99 -33.51
N THR F 52 -18.77 13.18 -32.92
CA THR F 52 -19.94 13.87 -32.40
C THR F 52 -20.31 15.08 -33.27
N HIS F 53 -20.04 15.01 -34.57
CA HIS F 53 -20.46 16.03 -35.53
C HIS F 53 -19.95 17.42 -35.18
N THR F 54 -18.76 17.52 -34.60
CA THR F 54 -18.24 18.82 -34.20
C THR F 54 -17.07 19.22 -35.08
N PRO F 55 -17.20 20.27 -35.89
CA PRO F 55 -16.08 20.71 -36.73
C PRO F 55 -15.07 21.49 -35.92
N PRO F 56 -13.88 21.73 -36.48
CA PRO F 56 -12.88 22.51 -35.74
C PRO F 56 -13.33 23.95 -35.52
N LEU F 57 -12.98 24.50 -34.36
CA LEU F 57 -13.27 25.89 -34.06
C LEU F 57 -12.28 26.79 -34.81
N ASP F 58 -12.82 27.79 -35.50
CA ASP F 58 -11.98 28.67 -36.31
C ASP F 58 -11.19 29.62 -35.41
N PRO F 59 -9.90 29.83 -35.68
CA PRO F 59 -9.11 30.74 -34.83
C PRO F 59 -9.62 32.16 -34.82
N GLN F 60 -10.19 32.63 -35.93
CA GLN F 60 -10.73 33.98 -35.99
C GLN F 60 -12.02 34.12 -35.22
N GLU F 61 -12.62 33.01 -34.77
CA GLU F 61 -13.87 33.04 -34.01
C GLU F 61 -13.64 33.23 -32.51
N LEU F 62 -12.40 33.17 -32.04
CA LEU F 62 -12.10 33.39 -30.63
C LEU F 62 -12.39 34.81 -30.18
N ASP F 63 -12.65 35.74 -31.11
CA ASP F 63 -12.97 37.11 -30.74
C ASP F 63 -14.31 37.25 -30.05
N ILE F 64 -15.12 36.19 -30.03
CA ILE F 64 -16.40 36.25 -29.33
C ILE F 64 -16.18 36.42 -27.83
N LEU F 65 -15.11 35.83 -27.30
CA LEU F 65 -14.79 35.91 -25.88
C LEU F 65 -14.17 37.25 -25.49
N LYS F 66 -13.96 38.17 -26.45
CA LYS F 66 -13.37 39.46 -26.14
C LYS F 66 -14.28 40.35 -25.30
N THR F 67 -15.56 40.01 -25.19
CA THR F 67 -16.48 40.79 -24.37
C THR F 67 -16.53 40.35 -22.92
N VAL F 68 -15.85 39.25 -22.57
CA VAL F 68 -15.87 38.73 -21.21
C VAL F 68 -14.87 39.50 -20.36
N LYS F 69 -15.32 39.98 -19.20
CA LYS F 69 -14.47 40.69 -18.27
C LYS F 69 -14.39 40.04 -16.89
N GLU F 70 -15.19 39.02 -16.62
CA GLU F 70 -15.23 38.41 -15.29
C GLU F 70 -15.47 36.92 -15.43
N ILE F 71 -14.68 36.12 -14.69
CA ILE F 71 -14.83 34.68 -14.63
C ILE F 71 -14.91 34.28 -13.17
N THR F 72 -16.05 33.74 -12.75
CA THR F 72 -16.21 33.34 -11.35
C THR F 72 -15.40 32.10 -11.03
N GLY F 73 -15.29 31.18 -11.99
CA GLY F 73 -14.52 29.97 -11.78
C GLY F 73 -13.06 30.11 -12.20
N PHE F 74 -12.54 29.12 -12.91
CA PHE F 74 -11.16 29.13 -13.35
C PHE F 74 -11.09 29.11 -14.88
N LEU F 75 -9.93 29.51 -15.40
CA LEU F 75 -9.67 29.55 -16.84
C LEU F 75 -8.59 28.52 -17.15
N LEU F 76 -8.98 27.48 -17.90
CA LEU F 76 -8.09 26.40 -18.27
C LEU F 76 -7.86 26.45 -19.78
N ILE F 77 -6.62 26.73 -20.19
CA ILE F 77 -6.26 26.85 -21.60
C ILE F 77 -5.17 25.84 -21.88
N GLN F 78 -5.53 24.74 -22.53
CA GLN F 78 -4.58 23.69 -22.89
C GLN F 78 -4.40 23.57 -24.39
N ALA F 79 -4.94 24.51 -25.17
CA ALA F 79 -4.79 24.52 -26.61
C ALA F 79 -5.06 25.93 -27.10
N TRP F 80 -4.39 26.32 -28.19
CA TRP F 80 -4.50 27.66 -28.74
C TRP F 80 -4.03 27.62 -30.17
N PRO F 81 -4.59 28.45 -31.05
CA PRO F 81 -4.14 28.47 -32.45
C PRO F 81 -2.67 28.85 -32.55
N GLU F 82 -1.97 28.18 -33.47
CA GLU F 82 -0.53 28.40 -33.61
C GLU F 82 -0.21 29.78 -34.18
N ASN F 83 -1.14 30.39 -34.93
CA ASN F 83 -0.92 31.72 -35.44
C ASN F 83 -1.08 32.79 -34.35
N ARG F 84 -1.97 32.56 -33.40
CA ARG F 84 -2.18 33.49 -32.30
C ARG F 84 -0.93 33.53 -31.41
N THR F 85 -0.31 34.71 -31.31
CA THR F 85 0.89 34.87 -30.50
C THR F 85 0.59 35.20 -29.05
N ASP F 86 -0.66 35.50 -28.70
CA ASP F 86 -1.02 35.79 -27.32
C ASP F 86 -2.47 35.36 -27.09
N LEU F 87 -2.97 35.67 -25.90
CA LEU F 87 -4.35 35.37 -25.52
C LEU F 87 -5.23 36.61 -25.65
N HIS F 88 -5.16 37.28 -26.81
CA HIS F 88 -5.95 38.49 -27.02
C HIS F 88 -7.45 38.21 -27.11
N ALA F 89 -7.86 36.93 -27.16
CA ALA F 89 -9.27 36.61 -27.01
C ALA F 89 -9.78 36.97 -25.62
N PHE F 90 -8.88 36.97 -24.63
CA PHE F 90 -9.19 37.42 -23.28
C PHE F 90 -8.52 38.76 -22.99
N GLU F 91 -8.43 39.63 -24.00
CA GLU F 91 -7.77 40.93 -23.82
C GLU F 91 -8.51 41.80 -22.82
N ASN F 92 -9.82 41.62 -22.69
CA ASN F 92 -10.64 42.45 -21.81
C ASN F 92 -11.05 41.73 -20.53
N LEU F 93 -10.48 40.56 -20.25
CA LEU F 93 -10.76 39.86 -19.01
C LEU F 93 -10.15 40.64 -17.84
N GLU F 94 -10.97 41.00 -16.87
CA GLU F 94 -10.55 41.89 -15.80
C GLU F 94 -10.30 41.19 -14.47
N ILE F 95 -11.04 40.12 -14.16
CA ILE F 95 -10.92 39.46 -12.86
C ILE F 95 -11.26 37.99 -13.02
N ILE F 96 -10.44 37.14 -12.39
CA ILE F 96 -10.69 35.71 -12.27
C ILE F 96 -10.84 35.41 -10.79
N ARG F 97 -12.07 35.16 -10.35
CA ARG F 97 -12.32 35.00 -8.92
C ARG F 97 -11.82 33.66 -8.40
N GLY F 98 -11.88 32.61 -9.22
CA GLY F 98 -11.34 31.32 -8.83
C GLY F 98 -12.04 30.68 -7.65
N ARG F 99 -13.35 30.88 -7.52
CA ARG F 99 -14.09 30.21 -6.45
C ARG F 99 -14.10 28.70 -6.65
N THR F 100 -14.19 28.26 -7.90
CA THR F 100 -13.95 26.87 -8.26
C THR F 100 -12.59 26.77 -8.95
N LYS F 101 -11.84 25.73 -8.62
CA LYS F 101 -10.47 25.59 -9.08
C LYS F 101 -10.26 24.22 -9.72
N GLN F 102 -9.38 24.19 -10.73
CA GLN F 102 -9.02 22.93 -11.36
C GLN F 102 -8.29 22.05 -10.36
N HIS F 103 -8.79 20.83 -10.17
CA HIS F 103 -8.30 19.91 -9.13
C HIS F 103 -8.33 20.57 -7.75
N GLY F 104 -9.16 21.59 -7.58
CA GLY F 104 -9.21 22.32 -6.33
C GLY F 104 -7.95 23.08 -5.98
N GLN F 105 -7.23 23.59 -7.00
CA GLN F 105 -5.95 24.24 -6.73
C GLN F 105 -5.69 25.43 -7.66
N PHE F 106 -5.97 25.27 -8.95
CA PHE F 106 -5.56 26.23 -9.96
C PHE F 106 -6.75 27.04 -10.47
N SER F 107 -6.58 28.36 -10.51
CA SER F 107 -7.57 29.26 -11.11
C SER F 107 -7.16 29.75 -12.48
N LEU F 108 -5.89 29.65 -12.84
CA LEU F 108 -5.40 30.03 -14.16
C LEU F 108 -4.39 28.98 -14.61
N ALA F 109 -4.60 28.43 -15.81
CA ALA F 109 -3.77 27.34 -16.31
C ALA F 109 -3.50 27.57 -17.80
N VAL F 110 -2.24 27.81 -18.14
CA VAL F 110 -1.80 27.98 -19.52
C VAL F 110 -0.78 26.87 -19.78
N VAL F 111 -1.19 25.84 -20.50
CA VAL F 111 -0.41 24.61 -20.64
C VAL F 111 -0.14 24.35 -22.12
N SER F 112 1.14 24.31 -22.48
CA SER F 112 1.60 23.80 -23.79
C SER F 112 1.01 24.62 -24.95
N LEU F 113 1.39 25.88 -25.01
CA LEU F 113 1.00 26.78 -26.08
C LEU F 113 2.22 27.33 -26.78
N ASP F 114 2.02 27.78 -28.01
CA ASP F 114 3.08 28.39 -28.80
C ASP F 114 3.09 29.91 -28.69
N ILE F 115 2.32 30.47 -27.75
CA ILE F 115 2.23 31.91 -27.64
C ILE F 115 3.56 32.51 -27.20
N THR F 116 3.82 33.73 -27.66
CA THR F 116 5.00 34.48 -27.27
C THR F 116 4.74 35.42 -26.10
N SER F 117 3.48 35.66 -25.74
CA SER F 117 3.12 36.49 -24.61
C SER F 117 1.74 36.07 -24.13
N LEU F 118 1.38 36.53 -22.93
CA LEU F 118 0.06 36.25 -22.41
C LEU F 118 -0.97 37.24 -22.92
N GLY F 119 -0.64 38.53 -22.94
CA GLY F 119 -1.53 39.53 -23.47
C GLY F 119 -2.79 39.77 -22.66
N LEU F 120 -2.73 39.56 -21.36
CA LEU F 120 -3.87 39.81 -20.47
C LEU F 120 -3.74 41.19 -19.82
N ARG F 121 -3.77 42.22 -20.67
CA ARG F 121 -3.54 43.58 -20.20
C ARG F 121 -4.65 44.11 -19.30
N SER F 122 -5.83 43.47 -19.32
CA SER F 122 -6.94 43.90 -18.49
C SER F 122 -7.06 43.13 -17.18
N LEU F 123 -6.37 41.99 -17.06
CA LEU F 123 -6.44 41.19 -15.84
C LEU F 123 -5.87 41.95 -14.65
N LYS F 124 -6.75 42.42 -13.77
CA LYS F 124 -6.34 43.22 -12.62
C LYS F 124 -6.50 42.49 -11.30
N GLU F 125 -7.12 41.30 -11.29
CA GLU F 125 -7.36 40.61 -10.02
C GLU F 125 -7.50 39.12 -10.26
N ILE F 126 -6.84 38.34 -9.41
CA ILE F 126 -7.03 36.90 -9.31
C ILE F 126 -7.35 36.62 -7.85
N SER F 127 -8.63 36.46 -7.53
CA SER F 127 -9.06 36.46 -6.13
C SER F 127 -8.50 35.26 -5.36
N ASP F 128 -8.64 34.06 -5.90
CA ASP F 128 -8.20 32.86 -5.20
C ASP F 128 -7.71 31.84 -6.22
N GLY F 129 -6.81 30.97 -5.77
CA GLY F 129 -6.32 29.88 -6.59
C GLY F 129 -4.88 30.13 -7.04
N ASP F 130 -4.24 29.03 -7.44
CA ASP F 130 -2.88 29.08 -7.95
C ASP F 130 -2.88 29.28 -9.46
N VAL F 131 -1.74 29.76 -9.97
CA VAL F 131 -1.55 30.01 -11.39
C VAL F 131 -0.45 29.07 -11.88
N ILE F 132 -0.80 28.17 -12.80
CA ILE F 132 0.14 27.22 -13.38
C ILE F 132 0.35 27.58 -14.84
N ILE F 133 1.62 27.72 -15.24
CA ILE F 133 1.98 28.07 -16.61
C ILE F 133 3.13 27.15 -17.01
N SER F 134 2.83 26.16 -17.86
CA SER F 134 3.80 25.10 -18.16
C SER F 134 3.80 24.76 -19.64
N GLY F 135 4.97 24.42 -20.15
CA GLY F 135 5.11 23.86 -21.47
C GLY F 135 5.02 24.83 -22.63
N ASN F 136 5.23 26.12 -22.39
CA ASN F 136 5.12 27.14 -23.42
C ASN F 136 6.53 27.48 -23.92
N LYS F 137 6.90 26.91 -25.07
CA LYS F 137 8.26 27.02 -25.56
C LYS F 137 8.60 28.42 -26.07
N ASN F 138 7.61 29.24 -26.38
CA ASN F 138 7.83 30.57 -26.93
C ASN F 138 7.48 31.68 -25.95
N LEU F 139 6.96 31.35 -24.77
CA LEU F 139 6.36 32.36 -23.91
C LEU F 139 7.43 33.20 -23.22
N CYS F 140 7.30 34.51 -23.35
CA CYS F 140 8.10 35.48 -22.62
C CYS F 140 7.18 36.35 -21.77
N TYR F 141 7.77 37.32 -21.07
CA TYR F 141 7.05 38.28 -20.24
C TYR F 141 6.23 37.62 -19.13
N ALA F 142 6.53 36.36 -18.80
CA ALA F 142 5.75 35.65 -17.79
C ALA F 142 6.23 35.98 -16.38
N ASN F 143 7.55 35.96 -16.17
CA ASN F 143 8.11 36.27 -14.86
C ASN F 143 8.12 37.77 -14.56
N THR F 144 7.84 38.61 -15.54
CA THR F 144 7.83 40.05 -15.29
C THR F 144 6.61 40.48 -14.47
N ILE F 145 5.49 39.80 -14.66
CA ILE F 145 4.25 40.16 -13.95
C ILE F 145 4.38 39.75 -12.49
N ASN F 146 4.30 40.73 -11.59
CA ASN F 146 4.28 40.46 -10.16
C ASN F 146 2.85 40.09 -9.77
N TRP F 147 2.64 38.80 -9.44
CA TRP F 147 1.30 38.27 -9.24
C TRP F 147 0.68 38.65 -7.90
N LYS F 148 1.46 39.22 -6.97
CA LYS F 148 0.87 39.66 -5.70
C LYS F 148 -0.13 40.77 -5.93
N LYS F 149 0.13 41.65 -6.90
CA LYS F 149 -0.76 42.77 -7.20
C LYS F 149 -2.07 42.32 -7.83
N LEU F 150 -2.16 41.07 -8.28
CA LEU F 150 -3.41 40.51 -8.77
C LEU F 150 -4.07 39.55 -7.79
N PHE F 151 -3.31 39.03 -6.82
CA PHE F 151 -3.83 38.05 -5.90
C PHE F 151 -4.79 38.69 -4.90
N GLY F 152 -5.52 37.83 -4.19
CA GLY F 152 -6.42 38.26 -3.13
C GLY F 152 -6.17 37.48 -1.85
N THR F 153 -5.58 36.31 -1.98
CA THR F 153 -5.21 35.46 -0.86
C THR F 153 -3.69 35.37 -0.78
N SER F 154 -3.16 35.45 0.45
CA SER F 154 -1.72 35.45 0.66
C SER F 154 -1.09 34.06 0.53
N GLY F 155 -1.86 33.05 0.18
CA GLY F 155 -1.32 31.71 0.02
C GLY F 155 -1.26 31.25 -1.42
N GLN F 156 -1.65 32.13 -2.35
CA GLN F 156 -1.67 31.77 -3.75
C GLN F 156 -0.25 31.64 -4.30
N LYS F 157 0.02 30.52 -4.95
CA LYS F 157 1.33 30.23 -5.53
C LYS F 157 1.27 30.35 -7.05
N THR F 158 2.42 30.62 -7.64
CA THR F 158 2.56 30.76 -9.09
C THR F 158 3.66 29.81 -9.56
N LYS F 159 3.30 28.88 -10.45
CA LYS F 159 4.25 27.92 -11.02
C LYS F 159 4.48 28.29 -12.48
N ILE F 160 5.60 28.93 -12.76
CA ILE F 160 6.01 29.24 -14.12
C ILE F 160 7.14 28.27 -14.44
N ILE F 161 6.79 27.16 -15.08
CA ILE F 161 7.70 26.03 -15.24
C ILE F 161 7.70 25.57 -16.70
N ARG F 162 8.81 24.94 -17.09
CA ARG F 162 8.98 24.32 -18.41
C ARG F 162 8.65 25.29 -19.54
N ASN F 163 8.98 26.56 -19.37
CA ASN F 163 8.74 27.56 -20.39
C ASN F 163 10.07 27.99 -20.99
N ARG F 164 10.02 29.02 -21.84
CA ARG F 164 11.24 29.59 -22.38
C ARG F 164 12.01 30.32 -21.28
N GLY F 165 13.33 30.18 -21.31
CA GLY F 165 14.14 30.77 -20.26
C GLY F 165 14.04 32.28 -20.22
N GLU F 166 14.19 32.82 -19.01
CA GLU F 166 14.19 34.27 -18.85
C GLU F 166 15.35 34.91 -19.60
N ASN F 167 16.52 34.29 -19.54
CA ASN F 167 17.68 34.82 -20.25
C ASN F 167 17.53 34.66 -21.76
N SER F 168 16.82 33.63 -22.21
CA SER F 168 16.60 33.45 -23.64
C SER F 168 15.71 34.54 -24.20
N CYS F 169 14.70 34.96 -23.43
CA CYS F 169 13.88 36.10 -23.84
C CYS F 169 14.67 37.40 -23.78
N LYS F 170 15.51 37.55 -22.76
CA LYS F 170 16.33 38.75 -22.65
C LYS F 170 17.38 38.83 -23.75
N ALA F 171 17.78 37.68 -24.29
CA ALA F 171 18.77 37.67 -25.37
C ALA F 171 18.17 38.22 -26.66
N THR F 172 16.97 37.76 -27.01
CA THR F 172 16.28 38.23 -28.21
C THR F 172 15.57 39.57 -28.00
N GLY F 173 15.80 40.23 -26.87
CA GLY F 173 15.22 41.54 -26.65
C GLY F 173 13.74 41.56 -26.36
N GLN F 174 13.17 40.43 -25.91
CA GLN F 174 11.75 40.35 -25.60
C GLN F 174 11.56 40.62 -24.10
N VAL F 175 11.61 41.90 -23.75
CA VAL F 175 11.45 42.36 -22.37
C VAL F 175 10.40 43.46 -22.34
N CYS F 176 10.14 43.98 -21.15
CA CYS F 176 9.17 45.06 -21.00
C CYS F 176 9.73 46.36 -21.58
N HIS F 177 8.82 47.27 -21.91
CA HIS F 177 9.20 48.53 -22.52
C HIS F 177 9.95 49.42 -21.53
N ALA F 178 10.62 50.44 -22.06
CA ALA F 178 11.33 51.38 -21.21
C ALA F 178 10.37 52.28 -20.44
N LEU F 179 9.24 52.64 -21.04
CA LEU F 179 8.22 53.44 -20.39
C LEU F 179 7.30 52.62 -19.50
N CYS F 180 7.68 51.38 -19.20
CA CYS F 180 6.83 50.47 -18.44
C CYS F 180 7.06 50.65 -16.95
N SER F 181 6.03 50.34 -16.16
CA SER F 181 6.18 50.35 -14.72
C SER F 181 6.87 49.06 -14.27
N PRO F 182 7.61 49.12 -13.16
CA PRO F 182 8.35 47.93 -12.69
C PRO F 182 7.45 46.78 -12.25
N GLU F 183 6.12 46.97 -12.21
CA GLU F 183 5.23 45.90 -11.81
C GLU F 183 5.23 44.75 -12.81
N GLY F 184 5.43 45.06 -14.09
CA GLY F 184 5.49 44.02 -15.11
C GLY F 184 4.78 44.40 -16.40
N CYS F 185 4.77 43.47 -17.35
CA CYS F 185 4.13 43.71 -18.64
C CYS F 185 3.62 42.39 -19.20
N TRP F 186 2.57 42.49 -20.02
CA TRP F 186 2.03 41.34 -20.74
C TRP F 186 2.55 41.25 -22.17
N GLY F 187 3.51 42.10 -22.53
CA GLY F 187 4.06 42.13 -23.85
C GLY F 187 5.05 43.26 -24.01
N PRO F 188 5.69 43.35 -25.17
CA PRO F 188 6.71 44.39 -25.37
C PRO F 188 6.11 45.78 -25.57
N GLU F 189 4.87 45.88 -26.02
CA GLU F 189 4.28 47.17 -26.33
C GLU F 189 3.95 47.94 -25.06
N PRO F 190 3.93 49.27 -25.12
CA PRO F 190 3.57 50.05 -23.92
C PRO F 190 2.16 49.79 -23.43
N ARG F 191 1.22 49.52 -24.33
CA ARG F 191 -0.16 49.25 -23.91
C ARG F 191 -0.29 47.92 -23.18
N ASP F 192 0.70 47.05 -23.27
CA ASP F 192 0.69 45.78 -22.56
C ASP F 192 1.16 45.89 -21.11
N CYS F 193 1.52 47.09 -20.66
CA CYS F 193 2.01 47.29 -19.31
C CYS F 193 0.87 47.56 -18.34
N VAL F 194 1.02 47.07 -17.11
CA VAL F 194 -0.04 47.20 -16.12
C VAL F 194 -0.19 48.65 -15.67
N SER F 195 0.88 49.43 -15.71
CA SER F 195 0.84 50.84 -15.30
C SER F 195 2.06 51.59 -15.82
S SO4 G . -1.80 -12.00 8.29
O1 SO4 G . -0.51 -11.69 8.92
O2 SO4 G . -1.60 -13.01 7.26
O3 SO4 G . -2.72 -12.49 9.30
O4 SO4 G . -2.34 -10.78 7.68
S SO4 H . -1.47 -13.18 -4.75
O1 SO4 H . -0.70 -12.89 -3.56
O2 SO4 H . -1.91 -14.58 -4.73
O3 SO4 H . -2.64 -12.32 -4.81
O4 SO4 H . -0.65 -12.95 -5.94
S SO4 I . -35.57 -12.50 14.13
O1 SO4 I . -34.50 -11.78 13.45
O2 SO4 I . -35.34 -13.94 14.04
O3 SO4 I . -36.86 -12.18 13.50
O4 SO4 I . -35.60 -12.10 15.54
C1 GOL J . -19.88 -31.19 8.55
O1 GOL J . -20.88 -30.46 9.22
C2 GOL J . -18.61 -31.20 9.39
O2 GOL J . -18.94 -31.09 10.75
C3 GOL J . -17.83 -32.48 9.15
O3 GOL J . -16.57 -32.39 9.78
C1 GOL K . -18.41 -28.79 1.48
O1 GOL K . -19.47 -27.90 1.71
C2 GOL K . -18.05 -28.77 0.00
O2 GOL K . -18.45 -27.54 -0.56
C3 GOL K . -16.54 -28.94 -0.15
O3 GOL K . -16.18 -28.79 -1.51
C1 EDO L . -7.29 -20.70 14.71
O1 EDO L . -7.62 -20.19 15.99
C2 EDO L . -6.84 -22.16 14.83
O2 EDO L . -6.77 -22.74 13.53
OH2 1PE M . -7.91 -17.14 20.42
C12 1PE M . -6.63 -16.95 19.90
C22 1PE M . -6.54 -15.56 19.26
OH3 1PE M . -6.79 -14.57 20.22
C13 1PE M . -6.00 -12.98 21.82
C23 1PE M . -5.62 -13.99 20.74
OH4 1PE M . -4.89 -12.75 22.65
C14 1PE M . -4.93 -14.40 24.37
C24 1PE M . -5.13 -12.93 24.01
OH5 1PE M . -4.90 -14.54 25.77
C15 1PE M . -4.67 -16.92 25.79
C25 1PE M . -5.49 -15.71 26.23
OH6 1PE M . -5.52 -18.01 25.62
C16 1PE M . -7.07 -19.24 24.26
C26 1PE M . -6.23 -17.98 24.41
OH7 1PE M . -7.84 -19.14 23.09
C1 EDO N . 18.00 -10.60 27.02
O1 EDO N . 17.06 -9.98 26.13
C2 EDO N . 19.10 -11.26 26.21
O2 EDO N . 19.71 -10.29 25.36
S SO4 O . 33.34 9.22 3.02
O1 SO4 O . 33.80 8.67 4.30
O2 SO4 O . 33.31 8.18 2.01
O3 SO4 O . 34.25 10.28 2.61
O4 SO4 O . 32.00 9.77 3.20
S SO4 P . 19.65 34.19 -11.55
O1 SO4 P . 21.02 34.05 -11.05
O2 SO4 P . 18.82 33.13 -11.03
O3 SO4 P . 19.11 35.49 -11.13
O4 SO4 P . 19.67 34.13 -13.02
S SO4 Q . 50.37 -32.93 -18.37
O1 SO4 Q . 50.94 -33.02 -17.03
O2 SO4 Q . 50.47 -34.22 -19.03
O3 SO4 Q . 51.11 -31.94 -19.15
O4 SO4 Q . 48.97 -32.52 -18.28
S SO4 R . 11.99 0.58 -4.02
O1 SO4 R . 12.69 -0.60 -3.50
O2 SO4 R . 12.37 0.80 -5.41
O3 SO4 R . 10.55 0.37 -3.94
O4 SO4 R . 12.36 1.74 -3.23
S SO4 S . 19.31 29.97 -19.85
O1 SO4 S . 19.17 28.54 -19.54
O2 SO4 S . 20.69 30.38 -19.62
O3 SO4 S . 18.41 30.75 -18.99
O4 SO4 S . 18.95 30.20 -21.25
OH2 1PE T . 28.44 9.96 -8.76
C12 1PE T . 27.17 9.66 -9.26
C22 1PE T . 27.29 9.08 -10.67
OH3 1PE T . 26.06 8.54 -11.05
C13 1PE T . 25.04 6.37 -11.02
C23 1PE T . 26.16 7.25 -11.60
OH4 1PE T . 24.60 5.48 -11.99
C14 1PE T . 23.17 4.25 -10.50
C24 1PE T . 24.32 4.19 -11.50
OH5 1PE T . 22.81 2.96 -10.11
C15 1PE T . 23.87 2.78 -7.98
C25 1PE T . 22.55 2.83 -8.75
OH6 1PE T . 23.65 3.24 -6.67
C16 1PE T . 25.99 3.53 -6.21
C26 1PE T . 24.67 2.90 -5.77
OH7 1PE T . 26.84 3.67 -5.10
C1 GOL U . 33.89 14.81 -1.64
O1 GOL U . 33.82 13.46 -1.23
C2 GOL U . 33.73 14.89 -3.16
O2 GOL U . 33.17 13.68 -3.63
C3 GOL U . 32.82 16.05 -3.51
O3 GOL U . 32.68 16.13 -4.91
S SO4 V . 24.58 -16.61 -33.34
O1 SO4 V . 24.34 -17.78 -34.17
O2 SO4 V . 25.49 -16.95 -32.26
O3 SO4 V . 23.32 -16.12 -32.80
O4 SO4 V . 25.19 -15.56 -34.17
S SO4 W . 14.72 -25.66 -13.69
O1 SO4 W . 14.50 -26.57 -14.82
O2 SO4 W . 15.62 -26.30 -12.73
O3 SO4 W . 13.45 -25.39 -13.05
O4 SO4 W . 15.31 -24.42 -14.18
S SO4 X . 22.11 -8.06 -37.34
O1 SO4 X . 23.06 -7.85 -36.25
O2 SO4 X . 22.21 -9.44 -37.80
O3 SO4 X . 20.76 -7.79 -36.88
O4 SO4 X . 22.45 -7.16 -38.45
OH2 1PE Y . 23.63 -2.12 -17.97
C12 1PE Y . 23.29 -3.25 -18.72
C22 1PE Y . 22.27 -2.86 -19.79
OH3 1PE Y . 20.99 -3.28 -19.40
C13 1PE Y . 18.65 -2.78 -19.18
C23 1PE Y . 20.08 -2.24 -19.23
OH4 1PE Y . 18.10 -2.51 -17.92
C14 1PE Y . 17.92 -0.92 -16.15
C24 1PE Y . 17.87 -1.15 -17.65
OH5 1PE Y . 17.89 0.45 -15.88
C15 1PE Y . 20.02 0.51 -14.81
C25 1PE Y . 18.54 0.84 -14.70
OH6 1PE Y . 20.79 1.56 -14.27
C16 1PE Y . 22.88 1.05 -15.33
C26 1PE Y . 22.12 1.22 -14.02
OH7 1PE Y . 24.13 0.47 -15.08
C1 GOL Z . 14.76 -6.81 -30.92
O1 GOL Z . 15.38 -6.01 -31.92
C2 GOL Z . 15.77 -7.12 -29.83
O2 GOL Z . 16.87 -6.23 -29.94
C3 GOL Z . 15.11 -6.96 -28.47
O3 GOL Z . 16.06 -7.18 -27.45
C1 EDO AA . -3.21 20.51 -13.83
O1 EDO AA . -3.20 19.51 -14.85
C2 EDO AA . -2.41 21.72 -14.30
O2 EDO AA . -2.93 22.18 -15.55
S SO4 BA . 14.77 27.89 -26.01
O1 SO4 BA . 15.99 27.55 -25.26
O2 SO4 BA . 14.64 27.01 -27.15
O3 SO4 BA . 13.61 27.73 -25.13
O4 SO4 BA . 14.85 29.27 -26.45
#